data_7TY6
#
_entry.id   7TY6
#
_cell.length_a   1.00
_cell.length_b   1.00
_cell.length_c   1.00
_cell.angle_alpha   90.00
_cell.angle_beta   90.00
_cell.angle_gamma   90.00
#
_symmetry.space_group_name_H-M   'P 1'
#
loop_
_entity.id
_entity.type
_entity.pdbx_description
1 polymer 'Band 3 anion transport protein'
2 branched 2-acetamido-2-deoxy-beta-D-glucopyranose-(1-4)-2-acetamido-2-deoxy-beta-D-glucopyranose
3 non-polymer CHOLESTEROL
4 non-polymer 1,2-DIACYL-SN-GLYCERO-3-PHOSPHOCHOLINE
5 non-polymer "4,4'-Diisothiocyano-2,2'-stilbenedisulfonic acid"
6 water water
#
_entity_poly.entity_id   1
_entity_poly.type   'polypeptide(L)'
_entity_poly.pdbx_seq_one_letter_code
;MEELQDDYEDMMEENLEQEEYEDPDIPESQMEEPAAHDTEATATDYHTTSHPGTHKVYVELQELVMDEKNQELRWMEAAR
WVQLEENLGENGAWGRPHLSHLTFWSLLELRRVFTKGTVLLDLQETSLAGVANQLLDRFIFEDQIRPQDREELLRALLLK
HSHAGELEALGGVKPAVLTRSGDPSQPLLPQHSSLETQLFCEQGDGGTEGHSPSGILEKIPPDSEATLVLVGRADFLEQP
VLGFVRLQEAAELEAVELPVPIRFLFVLLGPEAPHIDYTQLGRAAATLMSERVFRIDAYMAQSRGELLHSLEGFLDCSLV
LPPTDAPSEQALLSLVPVQRELLRRRYQSSPAKPDSSFYKGLDLNGGPDDPLQQTGQLFGGLVRDIRRRYPYYLSDITDA
FSPQVLAAVIFIYFAALSPAITFGGLLGEKTRNQMGVSELLISTAVQGILFALLGAQPLLVVGFSGPLLVFEEAFFSFCE
TNGLEYIVGRVWIGFWLILLVVLVVAFEGSFLVRFISRYTQEIFSFLISLIFIYETFSKLIKIFQDHPLQKTYNYNVLMV
PKPQGPLPNTALLSLVLMAGTFFFAMMLRKFKNSSYFPGKLRRVIGDFGVPISILIMVLVDFFIQDTYTQKLSVPDGFKV
SNSSARGWVIHPLGLRSEFPIWMMFASALPALLVFILIFLESQITTLIVSKPERKMVKGSGFHLDLLLVVGMGGVAALFG
MPWLSATTVRSVTHANALTVMGKASTPGAAAQIQEVKEQRISGLLVAVLVGLSILMEPILSRIPLAVLFGIFLYMGVTSL
SGIQLFDRILLLFKPPKYHPDVPYVKRVKTWRMHLFTGIQIICLAVLWVVKSTPASLALPFVLILTVPLRRVLLPLIFRN
VELQCLDADDAKATFDEEEGRDEYDEVAMPV
;
_entity_poly.pdbx_strand_id   A,B
#
loop_
_chem_comp.id
_chem_comp.type
_chem_comp.name
_chem_comp.formula
4DS non-polymer '4,4'-Diisothiocyano-2,2'-stilbenedisulfonic acid' 'C16 H10 N2 O6 S4'
CLR non-polymer CHOLESTEROL 'C27 H46 O'
NAG D-saccharide, beta linking 2-acetamido-2-deoxy-beta-D-glucopyranose 'C8 H15 N O6'
PC1 non-polymer 1,2-DIACYL-SN-GLYCERO-3-PHOSPHOCHOLINE 'C44 H88 N O8 P'
#
# COMPACT_ATOMS: atom_id res chain seq x y z
N ASP A 369 42.62 0.24 21.32
CA ASP A 369 41.22 0.69 21.65
C ASP A 369 40.19 -0.17 20.93
N ASP A 370 40.48 -0.59 19.69
CA ASP A 370 39.57 -1.42 18.83
C ASP A 370 39.30 -2.76 19.50
N PRO A 371 38.09 -3.34 19.38
CA PRO A 371 37.77 -4.62 20.02
C PRO A 371 38.55 -5.82 19.47
N LEU A 372 38.77 -5.86 18.15
CA LEU A 372 39.33 -7.02 17.40
C LEU A 372 40.85 -6.86 17.27
N GLN A 373 41.53 -6.56 18.38
CA GLN A 373 43.02 -6.51 18.49
C GLN A 373 43.48 -7.61 19.45
N GLN A 374 44.32 -8.50 18.95
CA GLN A 374 44.89 -9.69 19.65
C GLN A 374 45.91 -9.21 20.69
N THR A 375 45.58 -9.31 21.98
CA THR A 375 46.28 -8.63 23.11
C THR A 375 47.60 -9.35 23.42
N GLY A 376 47.54 -10.68 23.60
CA GLY A 376 48.68 -11.53 24.01
C GLY A 376 48.38 -12.27 25.31
N GLN A 377 47.65 -11.64 26.22
CA GLN A 377 47.22 -12.23 27.53
C GLN A 377 46.09 -13.22 27.26
N LEU A 378 46.16 -14.43 27.84
CA LEU A 378 45.09 -15.47 27.74
C LEU A 378 43.83 -14.94 28.43
N PHE A 379 42.69 -14.97 27.74
CA PHE A 379 41.41 -14.32 28.10
C PHE A 379 41.60 -12.79 28.20
N GLY A 380 42.48 -12.23 27.36
CA GLY A 380 42.76 -10.79 27.32
C GLY A 380 41.62 -10.02 26.67
N GLY A 381 41.02 -10.61 25.62
CA GLY A 381 39.85 -10.05 24.90
C GLY A 381 38.62 -10.02 25.79
N LEU A 382 38.33 -11.14 26.48
CA LEU A 382 37.16 -11.30 27.39
C LEU A 382 37.18 -10.20 28.46
N VAL A 383 38.33 -9.97 29.10
CA VAL A 383 38.50 -9.00 30.22
C VAL A 383 38.40 -7.58 29.67
N ARG A 384 39.06 -7.30 28.54
CA ARG A 384 39.06 -5.98 27.85
C ARG A 384 37.65 -5.60 27.39
N ASP A 385 36.79 -6.58 27.12
CA ASP A 385 35.36 -6.38 26.77
C ASP A 385 34.58 -6.00 28.03
N ILE A 386 34.81 -6.71 29.14
CA ILE A 386 34.15 -6.48 30.47
C ILE A 386 34.58 -5.10 30.99
N ARG A 387 35.88 -4.80 30.94
CA ARG A 387 36.47 -3.50 31.38
C ARG A 387 35.86 -2.34 30.57
N ARG A 388 35.44 -2.57 29.32
CA ARG A 388 34.93 -1.52 28.39
C ARG A 388 33.48 -1.15 28.72
N ARG A 389 32.59 -2.15 28.82
CA ARG A 389 31.12 -1.96 28.76
C ARG A 389 30.52 -1.79 30.16
N TYR A 390 30.98 -2.56 31.15
CA TYR A 390 30.40 -2.62 32.52
C TYR A 390 30.53 -1.29 33.25
N PRO A 391 31.55 -0.44 33.01
CA PRO A 391 31.52 0.95 33.47
C PRO A 391 30.24 1.74 33.13
N TYR A 392 29.61 1.46 31.98
CA TYR A 392 28.37 2.12 31.50
C TYR A 392 27.14 1.26 31.82
N TYR A 393 27.15 0.51 32.94
CA TYR A 393 26.07 -0.43 33.32
C TYR A 393 24.88 0.36 33.89
N LEU A 394 25.13 1.33 34.77
CA LEU A 394 24.09 2.22 35.35
C LEU A 394 23.38 2.96 34.21
N SER A 395 24.14 3.39 33.18
CA SER A 395 23.61 4.00 31.94
C SER A 395 22.64 3.03 31.24
N ASP A 396 23.01 1.74 31.19
CA ASP A 396 22.23 0.67 30.51
C ASP A 396 20.89 0.41 31.21
N ILE A 397 20.67 0.92 32.43
CA ILE A 397 19.35 0.90 33.12
C ILE A 397 18.61 2.22 32.80
N THR A 398 19.27 3.37 33.00
CA THR A 398 18.68 4.73 32.93
C THR A 398 18.35 5.12 31.48
N ASP A 399 19.10 4.60 30.50
CA ASP A 399 18.91 4.92 29.05
C ASP A 399 17.64 4.24 28.53
N ALA A 400 17.07 3.29 29.27
CA ALA A 400 15.86 2.50 28.90
C ALA A 400 14.57 3.21 29.32
N PHE A 401 14.67 4.40 29.94
CA PHE A 401 13.53 5.12 30.60
C PHE A 401 12.76 5.98 29.59
N SER A 402 12.88 5.70 28.29
CA SER A 402 12.19 6.41 27.18
C SER A 402 11.04 5.58 26.67
N PRO A 403 10.03 6.17 25.98
CA PRO A 403 8.92 5.41 25.39
C PRO A 403 9.34 4.55 24.19
N GLN A 404 10.35 4.97 23.44
CA GLN A 404 10.89 4.26 22.24
C GLN A 404 11.40 2.87 22.66
N VAL A 405 11.92 2.74 23.87
CA VAL A 405 12.35 1.45 24.48
C VAL A 405 11.12 0.57 24.70
N LEU A 406 10.07 1.10 25.34
CA LEU A 406 8.80 0.36 25.61
C LEU A 406 8.21 -0.11 24.28
N ALA A 407 8.19 0.77 23.26
CA ALA A 407 7.71 0.46 21.90
C ALA A 407 8.53 -0.70 21.31
N ALA A 408 9.85 -0.67 21.48
CA ALA A 408 10.80 -1.69 20.98
C ALA A 408 10.54 -3.02 21.69
N VAL A 409 10.27 -3.01 23.00
CA VAL A 409 9.96 -4.22 23.82
C VAL A 409 8.77 -4.95 23.19
N ILE A 410 7.69 -4.23 22.90
CA ILE A 410 6.40 -4.81 22.40
C ILE A 410 6.65 -5.38 21.00
N PHE A 411 7.39 -4.66 20.16
CA PHE A 411 7.72 -5.03 18.75
C PHE A 411 8.58 -6.30 18.74
N ILE A 412 9.73 -6.26 19.40
CA ILE A 412 10.78 -7.33 19.32
C ILE A 412 10.27 -8.58 20.04
N TYR A 413 9.35 -8.44 21.00
CA TYR A 413 8.68 -9.58 21.70
C TYR A 413 8.04 -10.51 20.67
N PHE A 414 7.21 -9.96 19.76
CA PHE A 414 6.48 -10.72 18.73
C PHE A 414 7.46 -11.26 17.68
N ALA A 415 8.49 -10.47 17.36
CA ALA A 415 9.61 -10.86 16.47
C ALA A 415 10.39 -12.02 17.11
N ALA A 416 10.50 -12.03 18.44
CA ALA A 416 11.23 -13.04 19.24
C ALA A 416 10.36 -14.29 19.45
N LEU A 417 9.09 -14.09 19.82
CA LEU A 417 8.15 -15.18 20.23
C LEU A 417 7.85 -16.11 19.06
N SER A 418 7.29 -15.56 17.98
CA SER A 418 6.65 -16.30 16.87
C SER A 418 7.63 -17.31 16.24
N PRO A 419 8.91 -16.96 16.01
CA PRO A 419 9.91 -17.96 15.60
C PRO A 419 10.07 -19.10 16.61
N ALA A 420 10.09 -18.79 17.90
CA ALA A 420 10.21 -19.78 19.01
C ALA A 420 8.99 -20.72 18.98
N ILE A 421 7.82 -20.19 18.63
CA ILE A 421 6.56 -20.98 18.50
C ILE A 421 6.65 -21.84 17.23
N THR A 422 7.14 -21.27 16.13
CA THR A 422 7.23 -21.91 14.79
C THR A 422 8.31 -22.99 14.81
N PHE A 423 9.57 -22.61 15.03
CA PHE A 423 10.75 -23.53 15.09
C PHE A 423 10.51 -24.60 16.15
N GLY A 424 9.93 -24.20 17.29
CA GLY A 424 9.50 -25.14 18.35
C GLY A 424 8.50 -26.14 17.84
N GLY A 425 7.50 -25.68 17.09
CA GLY A 425 6.54 -26.54 16.38
C GLY A 425 7.25 -27.54 15.48
N LEU A 426 8.17 -27.04 14.65
CA LEU A 426 8.95 -27.85 13.66
C LEU A 426 9.84 -28.84 14.40
N LEU A 427 10.55 -28.39 15.43
CA LEU A 427 11.37 -29.25 16.34
C LEU A 427 10.50 -30.39 16.90
N GLY A 428 9.27 -30.08 17.32
CA GLY A 428 8.29 -31.04 17.85
C GLY A 428 7.96 -31.99 16.72
N GLU A 429 7.70 -31.47 15.51
CA GLU A 429 7.45 -32.33 14.31
C GLU A 429 8.73 -33.16 14.02
N LYS A 430 9.89 -32.52 13.84
CA LYS A 430 11.13 -33.26 13.42
C LYS A 430 11.76 -34.31 14.40
N THR A 431 11.65 -34.10 15.71
CA THR A 431 12.29 -35.00 16.71
C THR A 431 11.36 -35.76 17.67
N ARG A 432 10.11 -36.05 17.26
CA ARG A 432 9.10 -36.76 18.08
C ARG A 432 8.98 -36.10 19.46
N ASN A 433 8.87 -34.77 19.50
CA ASN A 433 8.63 -33.94 20.70
C ASN A 433 9.70 -34.20 21.79
N GLN A 434 10.88 -34.70 21.42
CA GLN A 434 12.04 -34.82 22.33
C GLN A 434 12.56 -33.42 22.63
N MET A 435 12.36 -32.49 21.70
CA MET A 435 12.51 -31.03 21.91
C MET A 435 11.39 -30.31 21.16
N GLY A 436 10.80 -29.27 21.75
CA GLY A 436 9.60 -28.61 21.20
C GLY A 436 9.47 -27.16 21.63
N VAL A 437 8.23 -26.63 21.62
CA VAL A 437 7.91 -25.19 21.87
C VAL A 437 8.24 -24.84 23.33
N SER A 438 7.74 -25.62 24.29
CA SER A 438 7.98 -25.45 25.75
C SER A 438 9.47 -25.24 26.01
N GLU A 439 10.31 -26.15 25.51
CA GLU A 439 11.77 -26.18 25.76
C GLU A 439 12.42 -24.93 25.14
N LEU A 440 11.98 -24.54 23.95
CA LEU A 440 12.59 -23.45 23.17
C LEU A 440 12.21 -22.09 23.80
N LEU A 441 10.93 -21.91 24.14
CA LEU A 441 10.42 -20.73 24.90
C LEU A 441 11.24 -20.53 26.18
N ILE A 442 11.44 -21.60 26.95
CA ILE A 442 12.19 -21.54 28.25
C ILE A 442 13.66 -21.20 27.99
N SER A 443 14.29 -21.86 27.01
CA SER A 443 15.70 -21.57 26.57
C SER A 443 15.83 -20.12 26.11
N THR A 444 14.93 -19.66 25.22
CA THR A 444 14.91 -18.29 24.67
C THR A 444 14.83 -17.27 25.82
N ALA A 445 14.04 -17.57 26.86
CA ALA A 445 13.79 -16.67 28.01
C ALA A 445 15.02 -16.62 28.91
N VAL A 446 15.51 -17.77 29.36
CA VAL A 446 16.60 -17.89 30.39
C VAL A 446 17.91 -17.36 29.79
N GLN A 447 18.24 -17.75 28.56
CA GLN A 447 19.45 -17.26 27.84
C GLN A 447 19.29 -15.77 27.54
N GLY A 448 18.09 -15.33 27.15
CA GLY A 448 17.78 -13.91 26.86
C GLY A 448 17.94 -13.03 28.09
N ILE A 449 17.43 -13.46 29.24
CA ILE A 449 17.56 -12.76 30.56
C ILE A 449 19.05 -12.64 30.90
N LEU A 450 19.76 -13.77 30.93
CA LEU A 450 21.20 -13.86 31.33
C LEU A 450 22.04 -12.99 30.39
N PHE A 451 21.81 -13.08 29.08
CA PHE A 451 22.59 -12.35 28.05
C PHE A 451 22.33 -10.85 28.15
N ALA A 452 21.09 -10.43 28.39
CA ALA A 452 20.69 -9.01 28.59
C ALA A 452 21.46 -8.42 29.77
N LEU A 453 21.56 -9.17 30.87
CA LEU A 453 22.26 -8.74 32.12
C LEU A 453 23.78 -8.74 31.90
N LEU A 454 24.36 -9.86 31.46
CA LEU A 454 25.81 -10.12 31.51
C LEU A 454 26.53 -9.79 30.20
N GLY A 455 25.80 -9.67 29.08
CA GLY A 455 26.37 -9.54 27.72
C GLY A 455 27.16 -8.26 27.52
N ALA A 456 27.98 -8.20 26.47
CA ALA A 456 28.76 -7.02 26.02
C ALA A 456 27.92 -6.15 25.08
N GLN A 457 27.11 -6.77 24.22
CA GLN A 457 26.16 -6.09 23.29
C GLN A 457 24.74 -6.54 23.63
N PRO A 458 24.03 -5.85 24.54
CA PRO A 458 22.64 -6.18 24.87
C PRO A 458 21.63 -6.05 23.72
N LEU A 459 21.99 -5.36 22.63
CA LEU A 459 21.12 -5.14 21.45
C LEU A 459 20.94 -6.44 20.64
N LEU A 460 21.84 -7.42 20.79
CA LEU A 460 21.72 -8.74 20.12
C LEU A 460 20.53 -9.48 20.72
N VAL A 461 19.58 -9.91 19.89
CA VAL A 461 18.43 -10.78 20.26
C VAL A 461 18.88 -12.24 20.09
N VAL A 462 19.08 -12.96 21.20
CA VAL A 462 19.55 -14.38 21.22
C VAL A 462 18.33 -15.28 21.03
N GLY A 463 18.36 -16.15 20.02
CA GLY A 463 17.25 -17.08 19.73
C GLY A 463 17.65 -18.19 18.78
N PHE A 464 16.68 -19.01 18.38
CA PHE A 464 16.85 -20.21 17.51
C PHE A 464 16.65 -19.82 16.05
N SER A 465 17.59 -20.22 15.19
CA SER A 465 17.62 -19.91 13.73
C SER A 465 17.38 -21.19 12.93
N GLY A 466 17.20 -21.05 11.62
CA GLY A 466 17.03 -22.17 10.67
C GLY A 466 18.24 -23.09 10.62
N PRO A 467 19.48 -22.56 10.41
CA PRO A 467 20.68 -23.39 10.40
C PRO A 467 20.82 -24.31 11.63
N LEU A 468 20.37 -23.84 12.80
CA LEU A 468 20.32 -24.65 14.05
C LEU A 468 19.23 -25.72 13.93
N LEU A 469 18.08 -25.39 13.34
CA LEU A 469 16.98 -26.37 13.08
C LEU A 469 17.48 -27.47 12.13
N VAL A 470 18.18 -27.08 11.06
CA VAL A 470 18.70 -28.02 10.02
C VAL A 470 19.66 -29.00 10.70
N PHE A 471 20.44 -28.56 11.68
CA PHE A 471 21.37 -29.42 12.44
C PHE A 471 20.60 -30.42 13.33
N GLU A 472 19.53 -29.97 13.99
CA GLU A 472 18.75 -30.81 14.95
C GLU A 472 18.09 -31.94 14.14
N GLU A 473 17.47 -31.60 13.02
CA GLU A 473 16.82 -32.54 12.07
C GLU A 473 17.89 -33.52 11.54
N ALA A 474 19.04 -33.00 11.12
CA ALA A 474 20.21 -33.79 10.66
C ALA A 474 20.77 -34.73 11.74
N PHE A 475 20.94 -34.23 12.97
CA PHE A 475 21.52 -34.98 14.11
C PHE A 475 20.52 -36.03 14.61
N PHE A 476 19.22 -35.76 14.51
CA PHE A 476 18.14 -36.69 14.89
C PHE A 476 18.17 -37.91 13.95
N SER A 477 18.25 -37.64 12.63
CA SER A 477 18.31 -38.66 11.56
C SER A 477 19.54 -39.57 11.73
N PHE A 478 20.68 -38.99 12.11
CA PHE A 478 21.94 -39.70 12.46
C PHE A 478 21.64 -40.61 13.66
N CYS A 479 21.25 -40.02 14.79
CA CYS A 479 20.97 -40.69 16.09
C CYS A 479 19.97 -41.85 15.92
N GLU A 480 18.99 -41.69 15.02
CA GLU A 480 18.00 -42.75 14.66
C GLU A 480 18.71 -43.91 13.95
N THR A 481 19.35 -43.63 12.82
CA THR A 481 20.02 -44.59 11.91
C THR A 481 21.01 -45.47 12.69
N ASN A 482 21.80 -44.86 13.58
CA ASN A 482 22.90 -45.53 14.34
C ASN A 482 22.37 -46.12 15.65
N GLY A 483 21.14 -45.79 16.05
CA GLY A 483 20.45 -46.40 17.21
C GLY A 483 21.05 -45.95 18.52
N LEU A 484 21.35 -44.65 18.65
CA LEU A 484 21.86 -44.01 19.89
C LEU A 484 20.91 -42.86 20.26
N GLU A 485 20.69 -42.64 21.56
CA GLU A 485 19.69 -41.68 22.10
C GLU A 485 20.07 -40.26 21.66
N TYR A 486 19.08 -39.47 21.20
CA TYR A 486 19.27 -38.16 20.55
C TYR A 486 19.51 -37.06 21.59
N ILE A 487 18.59 -36.93 22.55
CA ILE A 487 18.56 -35.79 23.52
C ILE A 487 19.83 -35.85 24.40
N VAL A 488 20.31 -37.04 24.76
CA VAL A 488 21.57 -37.22 25.54
C VAL A 488 22.77 -36.95 24.61
N GLY A 489 22.63 -37.25 23.31
CA GLY A 489 23.63 -36.93 22.27
C GLY A 489 23.96 -35.45 22.21
N ARG A 490 22.93 -34.60 22.29
CA ARG A 490 23.04 -33.12 22.32
C ARG A 490 23.78 -32.63 23.58
N VAL A 491 23.63 -33.30 24.72
CA VAL A 491 24.33 -32.95 26.00
C VAL A 491 25.84 -32.99 25.75
N TRP A 492 26.33 -34.02 25.05
CA TRP A 492 27.77 -34.24 24.76
C TRP A 492 28.26 -33.22 23.75
N ILE A 493 27.46 -32.91 22.74
CA ILE A 493 27.73 -31.77 21.81
C ILE A 493 27.86 -30.50 22.65
N GLY A 494 26.96 -30.31 23.63
CA GLY A 494 26.95 -29.17 24.55
C GLY A 494 28.24 -29.04 25.33
N PHE A 495 28.78 -30.15 25.84
CA PHE A 495 30.05 -30.19 26.61
C PHE A 495 31.23 -29.79 25.72
N TRP A 496 31.26 -30.29 24.48
CA TRP A 496 32.28 -29.94 23.46
C TRP A 496 32.20 -28.46 23.09
N LEU A 497 30.99 -27.89 23.00
CA LEU A 497 30.77 -26.44 22.69
C LEU A 497 31.30 -25.58 23.84
N ILE A 498 31.10 -25.99 25.09
CA ILE A 498 31.64 -25.28 26.29
C ILE A 498 33.17 -25.35 26.24
N LEU A 499 33.72 -26.54 25.92
CA LEU A 499 35.19 -26.76 25.83
C LEU A 499 35.78 -25.85 24.75
N LEU A 500 35.16 -25.81 23.57
CA LEU A 500 35.67 -25.08 22.37
C LEU A 500 35.66 -23.57 22.63
N VAL A 501 34.52 -23.00 23.06
CA VAL A 501 34.33 -21.53 23.21
C VAL A 501 35.30 -20.97 24.26
N VAL A 502 35.52 -21.71 25.35
CA VAL A 502 36.51 -21.36 26.42
C VAL A 502 37.90 -21.34 25.78
N LEU A 503 38.26 -22.38 25.03
CA LEU A 503 39.55 -22.50 24.31
C LEU A 503 39.69 -21.33 23.32
N VAL A 504 38.63 -21.03 22.57
CA VAL A 504 38.61 -19.97 21.51
C VAL A 504 38.73 -18.60 22.18
N VAL A 505 38.01 -18.37 23.27
CA VAL A 505 38.02 -17.07 24.01
C VAL A 505 39.37 -16.93 24.74
N ALA A 506 39.96 -18.03 25.21
CA ALA A 506 41.28 -18.06 25.89
C ALA A 506 42.36 -17.48 24.98
N PHE A 507 42.45 -17.98 23.74
CA PHE A 507 43.47 -17.59 22.73
C PHE A 507 42.93 -16.49 21.79
N GLU A 508 41.77 -15.91 22.11
CA GLU A 508 41.18 -14.73 21.43
C GLU A 508 40.97 -15.02 19.94
N GLY A 509 40.27 -16.11 19.63
CA GLY A 509 39.98 -16.55 18.26
C GLY A 509 39.06 -15.57 17.53
N SER A 510 38.30 -14.76 18.26
CA SER A 510 37.37 -13.73 17.73
C SER A 510 38.13 -12.57 17.07
N PHE A 511 39.47 -12.56 17.12
CA PHE A 511 40.32 -11.59 16.37
C PHE A 511 40.13 -11.83 14.87
N LEU A 512 39.90 -13.08 14.46
CA LEU A 512 39.70 -13.51 13.05
C LEU A 512 38.49 -12.79 12.43
N VAL A 513 37.54 -12.33 13.26
CA VAL A 513 36.33 -11.56 12.85
C VAL A 513 36.75 -10.28 12.11
N ARG A 514 37.94 -9.74 12.40
CA ARG A 514 38.44 -8.48 11.77
C ARG A 514 38.63 -8.68 10.26
N PHE A 515 38.99 -9.90 9.83
CA PHE A 515 39.22 -10.25 8.41
C PHE A 515 37.88 -10.34 7.65
N ILE A 516 36.76 -10.55 8.35
CA ILE A 516 35.38 -10.50 7.77
C ILE A 516 35.03 -9.04 7.47
N SER A 517 35.21 -8.62 6.22
CA SER A 517 34.99 -7.23 5.73
C SER A 517 33.50 -6.98 5.49
N ARG A 518 33.16 -5.75 5.08
CA ARG A 518 31.80 -5.33 4.64
C ARG A 518 31.31 -6.26 3.52
N TYR A 519 32.22 -6.68 2.64
CA TYR A 519 31.93 -7.58 1.48
C TYR A 519 31.12 -8.78 1.97
N THR A 520 31.70 -9.57 2.87
CA THR A 520 31.11 -10.82 3.44
C THR A 520 29.93 -10.45 4.34
N GLN A 521 30.09 -9.41 5.18
CA GLN A 521 29.04 -8.92 6.12
C GLN A 521 27.73 -8.66 5.37
N GLU A 522 27.79 -7.93 4.26
CA GLU A 522 26.60 -7.47 3.50
C GLU A 522 26.00 -8.63 2.70
N ILE A 523 26.83 -9.46 2.07
CA ILE A 523 26.39 -10.68 1.34
C ILE A 523 25.57 -11.54 2.32
N PHE A 524 26.07 -11.73 3.54
CA PHE A 524 25.40 -12.46 4.64
C PHE A 524 24.10 -11.74 5.03
N SER A 525 24.21 -10.48 5.46
CA SER A 525 23.08 -9.62 5.89
C SER A 525 21.97 -9.63 4.83
N PHE A 526 22.31 -9.44 3.56
CA PHE A 526 21.36 -9.34 2.42
C PHE A 526 20.69 -10.69 2.21
N LEU A 527 21.47 -11.77 2.11
CA LEU A 527 20.99 -13.17 1.96
C LEU A 527 19.96 -13.47 3.06
N ILE A 528 20.33 -13.28 4.33
CA ILE A 528 19.48 -13.57 5.53
C ILE A 528 18.16 -12.80 5.39
N SER A 529 18.22 -11.52 5.00
CA SER A 529 17.04 -10.63 4.85
C SER A 529 16.13 -11.13 3.72
N LEU A 530 16.70 -11.54 2.59
CA LEU A 530 15.95 -12.09 1.43
C LEU A 530 15.23 -13.37 1.85
N ILE A 531 15.95 -14.29 2.51
CA ILE A 531 15.40 -15.60 2.97
C ILE A 531 14.24 -15.33 3.94
N PHE A 532 14.43 -14.41 4.88
CA PHE A 532 13.40 -13.97 5.86
C PHE A 532 12.12 -13.59 5.10
N ILE A 533 12.26 -12.75 4.07
CA ILE A 533 11.13 -12.24 3.25
C ILE A 533 10.52 -13.42 2.47
N TYR A 534 11.36 -14.24 1.84
CA TYR A 534 10.92 -15.42 1.05
C TYR A 534 10.08 -16.35 1.93
N GLU A 535 10.60 -16.70 3.10
CA GLU A 535 9.95 -17.65 4.06
C GLU A 535 8.65 -17.04 4.60
N THR A 536 8.60 -15.72 4.80
CA THR A 536 7.38 -14.97 5.22
C THR A 536 6.29 -15.13 4.15
N PHE A 537 6.64 -15.07 2.87
CA PHE A 537 5.71 -15.26 1.72
C PHE A 537 5.38 -16.75 1.58
N SER A 538 6.36 -17.63 1.76
CA SER A 538 6.18 -19.11 1.77
C SER A 538 5.12 -19.51 2.81
N LYS A 539 5.10 -18.81 3.96
CA LYS A 539 4.13 -19.02 5.06
C LYS A 539 2.73 -18.61 4.61
N LEU A 540 2.61 -17.47 3.92
CA LEU A 540 1.33 -16.95 3.36
C LEU A 540 0.82 -17.92 2.29
N ILE A 541 1.67 -18.27 1.32
CA ILE A 541 1.37 -19.19 0.18
C ILE A 541 0.81 -20.51 0.73
N LYS A 542 1.38 -21.01 1.83
CA LYS A 542 0.97 -22.28 2.48
C LYS A 542 -0.50 -22.20 2.92
N ILE A 543 -0.95 -21.04 3.40
CA ILE A 543 -2.37 -20.84 3.88
C ILE A 543 -3.30 -21.05 2.68
N PHE A 544 -2.96 -20.48 1.53
CA PHE A 544 -3.71 -20.64 0.25
C PHE A 544 -3.70 -22.11 -0.20
N GLN A 545 -2.64 -22.86 0.10
CA GLN A 545 -2.52 -24.30 -0.25
C GLN A 545 -3.41 -25.14 0.67
N ASP A 546 -3.48 -24.80 1.97
CA ASP A 546 -4.27 -25.53 3.00
C ASP A 546 -5.74 -25.10 2.95
N HIS A 547 -6.01 -23.83 2.59
CA HIS A 547 -7.36 -23.22 2.51
C HIS A 547 -7.59 -22.59 1.14
N PRO A 548 -7.55 -23.38 0.04
CA PRO A 548 -7.73 -22.84 -1.31
C PRO A 548 -9.08 -22.16 -1.57
N LEU A 549 -9.09 -21.25 -2.54
CA LEU A 549 -10.30 -20.54 -3.03
C LEU A 549 -11.06 -21.52 -3.94
N GLN A 550 -11.98 -22.29 -3.34
CA GLN A 550 -12.84 -23.29 -4.03
C GLN A 550 -14.21 -22.66 -4.26
N LYS A 551 -15.03 -23.30 -5.10
CA LYS A 551 -16.46 -22.93 -5.32
C LYS A 551 -17.25 -23.40 -4.10
N THR A 552 -16.98 -24.62 -3.63
CA THR A 552 -17.71 -25.30 -2.52
C THR A 552 -16.72 -25.78 -1.45
N TYR A 553 -17.18 -25.85 -0.20
CA TYR A 553 -16.42 -26.34 0.99
C TYR A 553 -17.32 -27.28 1.81
N ASN A 554 -16.70 -28.09 2.66
CA ASN A 554 -17.39 -28.94 3.66
C ASN A 554 -17.72 -28.17 4.94
N TYR A 555 -18.99 -27.81 5.14
CA TYR A 555 -19.39 -26.99 6.31
C TYR A 555 -19.01 -27.71 7.61
N ASN A 556 -18.64 -28.99 7.50
CA ASN A 556 -18.23 -29.76 8.71
C ASN A 556 -16.71 -29.96 8.68
N VAL A 557 -15.98 -29.19 9.48
CA VAL A 557 -14.50 -29.35 9.57
C VAL A 557 -14.09 -29.32 11.04
N LEU A 558 -13.60 -30.46 11.56
CA LEU A 558 -13.18 -30.54 12.99
C LEU A 558 -12.05 -29.51 13.08
N MET A 559 -12.04 -28.71 14.15
CA MET A 559 -11.08 -27.60 14.37
C MET A 559 -10.30 -27.81 15.68
N VAL A 560 -10.49 -28.95 16.35
CA VAL A 560 -9.82 -29.18 17.66
C VAL A 560 -8.29 -29.11 17.46
N PRO A 561 -7.64 -30.08 16.79
CA PRO A 561 -6.17 -30.06 16.65
C PRO A 561 -5.76 -29.05 15.58
N LYS A 562 -6.49 -29.01 14.47
CA LYS A 562 -6.22 -28.05 13.37
C LYS A 562 -7.34 -28.22 12.32
N PRO A 563 -7.66 -27.20 11.50
CA PRO A 563 -8.66 -27.36 10.44
C PRO A 563 -8.44 -28.67 9.67
N GLN A 564 -9.45 -29.53 9.62
CA GLN A 564 -9.34 -30.84 8.93
C GLN A 564 -9.97 -30.71 7.53
N GLY A 565 -9.46 -29.77 6.74
CA GLY A 565 -9.92 -29.49 5.36
C GLY A 565 -9.98 -28.00 5.06
N PRO A 566 -10.18 -27.62 3.77
CA PRO A 566 -10.18 -26.22 3.38
C PRO A 566 -11.42 -25.47 3.90
N LEU A 567 -11.27 -24.18 4.20
CA LEU A 567 -12.32 -23.29 4.77
C LEU A 567 -12.44 -22.03 3.90
N PRO A 568 -13.66 -21.46 3.76
CA PRO A 568 -13.82 -20.22 3.00
C PRO A 568 -13.29 -19.00 3.75
N ASN A 569 -12.70 -18.05 3.02
CA ASN A 569 -12.38 -16.67 3.48
C ASN A 569 -11.07 -16.63 4.27
N THR A 570 -10.55 -17.78 4.71
CA THR A 570 -9.36 -17.89 5.61
C THR A 570 -8.12 -17.35 4.88
N ALA A 571 -7.88 -17.81 3.65
CA ALA A 571 -6.68 -17.50 2.85
C ALA A 571 -6.66 -16.01 2.47
N LEU A 572 -7.79 -15.47 2.01
CA LEU A 572 -7.87 -14.06 1.56
C LEU A 572 -7.82 -13.11 2.78
N LEU A 573 -8.49 -13.46 3.88
CA LEU A 573 -8.45 -12.63 5.12
C LEU A 573 -7.02 -12.61 5.66
N SER A 574 -6.35 -13.77 5.67
CA SER A 574 -4.91 -13.92 6.02
C SER A 574 -4.06 -12.94 5.18
N LEU A 575 -4.29 -12.90 3.86
CA LEU A 575 -3.63 -11.96 2.91
C LEU A 575 -3.93 -10.52 3.34
N VAL A 576 -5.21 -10.21 3.60
CA VAL A 576 -5.69 -8.84 3.95
C VAL A 576 -5.06 -8.39 5.29
N LEU A 577 -5.00 -9.29 6.28
CA LEU A 577 -4.43 -9.00 7.64
C LEU A 577 -2.92 -8.79 7.55
N MET A 578 -2.23 -9.58 6.71
CA MET A 578 -0.78 -9.44 6.43
C MET A 578 -0.53 -8.12 5.71
N ALA A 579 -1.20 -7.89 4.59
CA ALA A 579 -1.07 -6.69 3.73
C ALA A 579 -1.41 -5.45 4.55
N GLY A 580 -2.49 -5.50 5.33
CA GLY A 580 -2.96 -4.40 6.18
C GLY A 580 -1.93 -4.03 7.24
N THR A 581 -1.43 -5.01 7.98
CA THR A 581 -0.44 -4.82 9.08
C THR A 581 0.85 -4.22 8.52
N PHE A 582 1.34 -4.75 7.39
CA PHE A 582 2.54 -4.27 6.67
C PHE A 582 2.34 -2.82 6.24
N PHE A 583 1.20 -2.53 5.61
CA PHE A 583 0.82 -1.18 5.10
C PHE A 583 0.90 -0.17 6.25
N PHE A 584 0.13 -0.39 7.32
CA PHE A 584 0.01 0.52 8.50
C PHE A 584 1.40 0.77 9.10
N ALA A 585 2.18 -0.30 9.32
CA ALA A 585 3.56 -0.25 9.85
C ALA A 585 4.44 0.69 9.01
N MET A 586 4.32 0.59 7.68
CA MET A 586 5.13 1.36 6.70
C MET A 586 4.63 2.81 6.61
N MET A 587 3.34 3.05 6.86
CA MET A 587 2.75 4.42 6.84
C MET A 587 3.10 5.15 8.13
N LEU A 588 3.08 4.47 9.29
CA LEU A 588 3.46 5.05 10.60
C LEU A 588 4.98 5.22 10.68
N ARG A 589 5.73 4.48 9.85
CA ARG A 589 7.19 4.69 9.63
C ARG A 589 7.38 5.99 8.84
N LYS A 590 6.58 6.18 7.79
CA LYS A 590 6.59 7.38 6.90
C LYS A 590 6.11 8.61 7.68
N PHE A 591 5.06 8.46 8.48
CA PHE A 591 4.46 9.54 9.33
C PHE A 591 5.49 10.05 10.34
N LYS A 592 6.30 9.15 10.90
CA LYS A 592 7.38 9.49 11.87
C LYS A 592 8.39 10.43 11.19
N ASN A 593 8.74 10.15 9.93
CA ASN A 593 9.75 10.89 9.14
C ASN A 593 9.13 12.14 8.52
N SER A 594 7.79 12.20 8.41
CA SER A 594 7.03 13.34 7.84
C SER A 594 7.11 14.57 8.74
N SER A 595 6.45 15.66 8.35
CA SER A 595 6.39 16.95 9.08
C SER A 595 4.93 17.30 9.44
N TYR A 596 4.17 16.30 9.91
CA TYR A 596 2.74 16.41 10.32
C TYR A 596 2.64 16.25 11.84
N PHE A 597 1.64 16.89 12.45
CA PHE A 597 1.26 16.80 13.90
C PHE A 597 2.36 17.44 14.75
N PRO A 598 2.09 17.76 16.03
CA PRO A 598 3.14 18.25 16.93
C PRO A 598 4.26 17.22 17.13
N GLY A 599 5.52 17.67 17.09
CA GLY A 599 6.73 16.83 17.11
C GLY A 599 6.75 15.81 18.23
N LYS A 600 6.33 16.21 19.44
CA LYS A 600 6.24 15.32 20.64
C LYS A 600 5.34 14.12 20.30
N LEU A 601 4.11 14.39 19.83
CA LEU A 601 3.09 13.37 19.48
C LEU A 601 3.56 12.55 18.27
N ARG A 602 4.19 13.21 17.29
CA ARG A 602 4.66 12.60 16.01
C ARG A 602 5.62 11.44 16.28
N ARG A 603 6.52 11.59 17.26
CA ARG A 603 7.51 10.54 17.66
C ARG A 603 6.79 9.44 18.46
N VAL A 604 5.95 9.82 19.44
CA VAL A 604 5.21 8.87 20.31
C VAL A 604 4.42 7.90 19.41
N ILE A 605 3.65 8.44 18.45
CA ILE A 605 2.85 7.63 17.48
C ILE A 605 3.82 6.85 16.58
N GLY A 606 4.89 7.48 16.11
CA GLY A 606 5.88 6.89 15.18
C GLY A 606 6.67 5.76 15.82
N ASP A 607 7.20 5.99 17.03
CA ASP A 607 8.00 5.01 17.82
C ASP A 607 7.17 3.82 18.34
N PHE A 608 5.84 3.97 18.38
CA PHE A 608 4.87 2.90 18.73
C PHE A 608 4.17 2.55 17.40
N GLY A 609 4.85 2.73 16.27
CA GLY A 609 4.30 2.50 14.92
C GLY A 609 3.91 1.04 14.72
N VAL A 610 4.81 0.10 15.03
CA VAL A 610 4.58 -1.36 14.85
C VAL A 610 3.54 -1.85 15.86
N PRO A 611 3.69 -1.60 17.19
CA PRO A 611 2.65 -1.94 18.16
C PRO A 611 1.24 -1.47 17.78
N ILE A 612 1.12 -0.25 17.23
CA ILE A 612 -0.18 0.34 16.79
C ILE A 612 -0.69 -0.48 15.61
N SER A 613 0.18 -0.80 14.64
CA SER A 613 -0.18 -1.59 13.42
C SER A 613 -0.76 -2.95 13.85
N ILE A 614 -0.13 -3.59 14.85
CA ILE A 614 -0.55 -4.91 15.40
C ILE A 614 -1.91 -4.78 16.10
N LEU A 615 -2.05 -3.81 17.02
CA LEU A 615 -3.26 -3.62 17.87
C LEU A 615 -4.51 -3.49 17.00
N ILE A 616 -4.48 -2.59 16.01
CA ILE A 616 -5.67 -2.27 15.17
C ILE A 616 -6.02 -3.47 14.29
N MET A 617 -5.04 -4.13 13.68
CA MET A 617 -5.26 -5.30 12.77
C MET A 617 -5.64 -6.54 13.59
N VAL A 618 -5.19 -6.64 14.84
CA VAL A 618 -5.66 -7.67 15.82
C VAL A 618 -7.12 -7.40 16.15
N LEU A 619 -7.50 -6.13 16.39
CA LEU A 619 -8.90 -5.71 16.70
C LEU A 619 -9.78 -5.94 15.46
N VAL A 620 -9.26 -5.67 14.26
CA VAL A 620 -9.97 -5.89 12.97
C VAL A 620 -10.36 -7.37 12.85
N ASP A 621 -9.46 -8.28 13.23
CA ASP A 621 -9.68 -9.76 13.21
C ASP A 621 -10.65 -10.15 14.32
N PHE A 622 -10.56 -9.51 15.49
CA PHE A 622 -11.36 -9.81 16.70
C PHE A 622 -12.86 -9.60 16.41
N PHE A 623 -13.20 -8.51 15.72
CA PHE A 623 -14.60 -8.12 15.42
C PHE A 623 -15.19 -9.03 14.32
N ILE A 624 -14.34 -9.63 13.47
CA ILE A 624 -14.74 -10.69 12.50
C ILE A 624 -14.85 -12.02 13.24
N GLN A 625 -16.08 -12.42 13.61
CA GLN A 625 -16.36 -13.57 14.51
C GLN A 625 -16.41 -14.88 13.72
N ASP A 626 -17.07 -14.89 12.55
CA ASP A 626 -17.45 -16.12 11.81
C ASP A 626 -16.23 -16.74 11.13
N THR A 627 -15.41 -15.94 10.44
CA THR A 627 -14.22 -16.40 9.67
C THR A 627 -13.15 -16.92 10.62
N TYR A 628 -12.48 -18.01 10.24
CA TYR A 628 -11.33 -18.63 10.94
C TYR A 628 -10.03 -18.06 10.40
N THR A 629 -9.11 -17.69 11.30
CA THR A 629 -7.68 -17.35 11.02
C THR A 629 -6.82 -18.07 12.05
N GLN A 630 -5.64 -18.53 11.65
CA GLN A 630 -4.68 -19.23 12.55
C GLN A 630 -4.11 -18.22 13.55
N LYS A 631 -4.20 -18.53 14.84
CA LYS A 631 -3.73 -17.68 15.97
C LYS A 631 -2.41 -18.23 16.51
N LEU A 632 -1.77 -17.50 17.41
CA LEU A 632 -0.56 -17.97 18.17
C LEU A 632 -1.02 -18.97 19.23
N SER A 633 -0.62 -20.23 19.10
CA SER A 633 -0.82 -21.31 20.08
C SER A 633 0.45 -21.47 20.92
N VAL A 634 0.30 -21.63 22.23
CA VAL A 634 1.41 -21.89 23.20
C VAL A 634 1.04 -23.12 24.04
N PRO A 635 2.02 -23.81 24.66
CA PRO A 635 1.72 -24.93 25.56
C PRO A 635 0.85 -24.52 26.76
N ASP A 636 0.15 -25.48 27.35
CA ASP A 636 -0.82 -25.28 28.47
C ASP A 636 -0.06 -24.76 29.70
N GLY A 637 1.08 -25.36 30.02
CA GLY A 637 1.95 -24.97 31.15
C GLY A 637 3.42 -25.24 30.85
N PHE A 638 4.26 -25.18 31.88
CA PHE A 638 5.72 -25.46 31.81
C PHE A 638 5.96 -26.94 32.11
N LYS A 639 5.86 -27.77 31.08
CA LYS A 639 6.28 -29.20 31.10
C LYS A 639 6.99 -29.53 29.79
N VAL A 640 7.82 -30.57 29.80
CA VAL A 640 8.52 -31.10 28.61
C VAL A 640 7.48 -31.61 27.61
N SER A 641 7.73 -31.42 26.32
CA SER A 641 6.80 -31.71 25.19
C SER A 641 6.47 -33.21 25.14
N ASN A 642 7.41 -34.08 25.52
CA ASN A 642 7.22 -35.55 25.65
C ASN A 642 7.74 -35.99 27.02
N SER A 643 6.83 -36.28 27.97
CA SER A 643 7.14 -36.69 29.36
C SER A 643 7.62 -38.15 29.40
N SER A 644 7.11 -38.99 28.48
CA SER A 644 7.44 -40.43 28.38
C SER A 644 8.84 -40.64 27.78
N ALA A 645 9.41 -39.62 27.13
CA ALA A 645 10.74 -39.66 26.46
C ALA A 645 11.86 -39.19 27.40
N ARG A 646 11.58 -38.17 28.23
CA ARG A 646 12.62 -37.40 28.97
C ARG A 646 12.01 -36.64 30.15
N GLY A 647 12.87 -36.13 31.03
CA GLY A 647 12.52 -35.20 32.12
C GLY A 647 13.09 -33.81 31.84
N TRP A 648 13.18 -32.96 32.86
CA TRP A 648 13.74 -31.58 32.75
C TRP A 648 15.28 -31.62 32.75
N VAL A 649 15.89 -32.68 33.31
CA VAL A 649 17.38 -32.88 33.34
C VAL A 649 17.72 -34.14 32.53
N ILE A 650 18.55 -33.99 31.50
CA ILE A 650 19.01 -35.08 30.59
C ILE A 650 20.29 -35.69 31.18
N HIS A 651 20.31 -37.01 31.33
CA HIS A 651 21.46 -37.79 31.86
CA HIS A 651 21.46 -37.79 31.86
C HIS A 651 22.51 -37.98 30.77
N PRO A 652 23.77 -37.51 30.94
CA PRO A 652 24.82 -37.80 29.96
C PRO A 652 24.95 -39.29 29.62
N LEU A 653 25.06 -40.16 30.63
CA LEU A 653 25.36 -41.61 30.46
C LEU A 653 24.21 -42.32 29.74
N GLY A 654 22.97 -41.81 29.83
CA GLY A 654 21.81 -42.30 29.06
C GLY A 654 20.52 -42.25 29.86
N LEU A 655 19.37 -42.30 29.17
CA LEU A 655 18.01 -42.30 29.78
C LEU A 655 17.51 -43.75 29.89
N ARG A 656 17.26 -44.40 28.76
CA ARG A 656 16.76 -45.80 28.67
C ARG A 656 17.95 -46.75 28.48
N SER A 657 18.69 -46.56 27.40
CA SER A 657 19.85 -47.40 26.97
C SER A 657 21.17 -46.78 27.45
N GLU A 658 22.27 -47.51 27.29
CA GLU A 658 23.66 -47.05 27.60
C GLU A 658 24.16 -46.21 26.43
N PHE A 659 24.51 -44.94 26.67
CA PHE A 659 25.07 -44.02 25.65
C PHE A 659 26.51 -44.41 25.34
N PRO A 660 26.85 -44.75 24.08
CA PRO A 660 28.15 -45.34 23.76
C PRO A 660 29.28 -44.29 23.76
N ILE A 661 30.47 -44.70 24.22
CA ILE A 661 31.65 -43.82 24.47
C ILE A 661 32.22 -43.37 23.11
N TRP A 662 31.98 -44.12 22.02
CA TRP A 662 32.43 -43.75 20.66
C TRP A 662 31.88 -42.37 20.25
N MET A 663 30.58 -42.14 20.49
CA MET A 663 29.88 -40.87 20.13
C MET A 663 30.13 -39.77 21.17
N MET A 664 30.40 -40.12 22.43
CA MET A 664 30.76 -39.16 23.52
C MET A 664 31.98 -38.36 23.05
N PHE A 665 32.94 -39.01 22.36
CA PHE A 665 34.16 -38.40 21.79
C PHE A 665 33.88 -37.84 20.39
N ALA A 666 33.12 -38.58 19.57
CA ALA A 666 32.81 -38.23 18.16
C ALA A 666 31.88 -37.02 18.08
N SER A 667 31.17 -36.69 19.18
CA SER A 667 30.26 -35.52 19.30
C SER A 667 31.01 -34.20 19.10
N ALA A 668 32.35 -34.20 19.18
CA ALA A 668 33.25 -33.07 18.86
C ALA A 668 32.96 -32.54 17.44
N LEU A 669 32.84 -33.42 16.46
CA LEU A 669 32.70 -33.06 15.03
C LEU A 669 31.35 -32.38 14.78
N PRO A 670 30.21 -32.91 15.27
CA PRO A 670 28.95 -32.15 15.32
C PRO A 670 29.06 -30.82 16.08
N ALA A 671 29.77 -30.80 17.21
CA ALA A 671 29.95 -29.62 18.09
C ALA A 671 30.80 -28.56 17.37
N LEU A 672 31.78 -29.00 16.58
CA LEU A 672 32.67 -28.10 15.78
C LEU A 672 31.87 -27.42 14.67
N LEU A 673 30.88 -28.13 14.10
CA LEU A 673 29.93 -27.60 13.08
C LEU A 673 29.00 -26.58 13.75
N VAL A 674 28.44 -26.94 14.91
CA VAL A 674 27.50 -26.09 15.70
C VAL A 674 28.22 -24.82 16.15
N PHE A 675 29.50 -24.93 16.51
CA PHE A 675 30.35 -23.79 16.94
C PHE A 675 30.50 -22.79 15.78
N ILE A 676 30.94 -23.29 14.62
CA ILE A 676 31.08 -22.52 13.35
C ILE A 676 29.72 -21.89 13.00
N LEU A 677 28.62 -22.61 13.21
CA LEU A 677 27.24 -22.15 12.89
C LEU A 677 26.87 -20.97 13.80
N ILE A 678 27.06 -21.10 15.11
CA ILE A 678 26.73 -20.02 16.11
C ILE A 678 27.71 -18.86 15.94
N PHE A 679 29.01 -19.14 15.80
CA PHE A 679 30.10 -18.13 15.73
C PHE A 679 29.83 -17.13 14.60
N LEU A 680 29.81 -17.61 13.35
CA LEU A 680 29.62 -16.77 12.15
C LEU A 680 28.28 -16.04 12.23
N GLU A 681 27.20 -16.77 12.54
CA GLU A 681 25.83 -16.18 12.71
C GLU A 681 25.93 -15.00 13.68
N SER A 682 26.53 -15.21 14.85
CA SER A 682 26.53 -14.27 16.00
C SER A 682 27.58 -13.16 15.82
N GLN A 683 28.81 -13.51 15.42
CA GLN A 683 29.94 -12.54 15.29
C GLN A 683 29.71 -11.61 14.10
N ILE A 684 29.12 -12.11 13.00
CA ILE A 684 28.77 -11.27 11.82
C ILE A 684 27.57 -10.39 12.17
N THR A 685 26.66 -10.86 13.03
CA THR A 685 25.49 -10.07 13.52
C THR A 685 26.01 -8.95 14.44
N THR A 686 27.03 -9.25 15.25
CA THR A 686 27.69 -8.28 16.15
C THR A 686 28.43 -7.23 15.30
N LEU A 687 29.06 -7.63 14.19
CA LEU A 687 29.73 -6.71 13.22
C LEU A 687 28.70 -5.77 12.61
N ILE A 688 27.58 -6.31 12.13
CA ILE A 688 26.50 -5.55 11.43
C ILE A 688 25.89 -4.53 12.40
N VAL A 689 25.60 -4.95 13.63
CA VAL A 689 24.89 -4.12 14.66
C VAL A 689 25.86 -3.05 15.18
N SER A 690 27.08 -3.45 15.56
CA SER A 690 28.13 -2.57 16.12
C SER A 690 29.10 -2.16 15.02
N LYS A 691 28.60 -1.39 14.04
CA LYS A 691 29.39 -0.85 12.90
C LYS A 691 29.52 0.66 13.10
N PRO A 692 30.57 1.31 12.55
CA PRO A 692 30.84 2.72 12.83
C PRO A 692 29.80 3.69 12.22
N GLU A 693 29.11 3.26 11.15
CA GLU A 693 28.04 4.04 10.45
C GLU A 693 26.91 4.37 11.43
N ARG A 694 26.50 3.38 12.23
CA ARG A 694 25.54 3.54 13.35
C ARG A 694 26.27 4.20 14.53
N LYS A 695 25.52 4.74 15.49
CA LYS A 695 26.05 5.54 16.63
C LYS A 695 26.07 4.67 17.89
N MET A 696 26.87 3.61 17.87
CA MET A 696 27.09 2.68 19.01
C MET A 696 28.35 3.11 19.76
N VAL A 697 28.19 3.93 20.80
CA VAL A 697 29.30 4.59 21.55
C VAL A 697 29.66 3.75 22.79
N LYS A 698 28.70 3.01 23.37
CA LYS A 698 28.89 2.16 24.58
C LYS A 698 30.00 1.13 24.34
N GLY A 699 30.11 0.61 23.11
CA GLY A 699 31.15 -0.35 22.69
C GLY A 699 30.64 -1.77 22.72
N SER A 700 31.11 -2.59 21.78
CA SER A 700 30.76 -4.03 21.63
C SER A 700 31.91 -4.90 22.13
N GLY A 701 31.60 -6.11 22.59
CA GLY A 701 32.58 -7.13 23.02
C GLY A 701 32.33 -8.46 22.32
N PHE A 702 33.17 -8.79 21.35
CA PHE A 702 33.05 -10.00 20.49
C PHE A 702 33.43 -11.27 21.26
N HIS A 703 34.17 -11.16 22.36
CA HIS A 703 34.69 -12.30 23.16
C HIS A 703 33.68 -12.72 24.24
N LEU A 704 33.14 -11.75 24.98
CA LEU A 704 32.16 -11.98 26.09
C LEU A 704 30.83 -12.46 25.51
N ASP A 705 30.38 -11.90 24.38
CA ASP A 705 29.12 -12.27 23.70
C ASP A 705 29.22 -13.70 23.17
N LEU A 706 30.37 -14.08 22.59
CA LEU A 706 30.63 -15.46 22.10
C LEU A 706 30.63 -16.44 23.27
N LEU A 707 31.28 -16.07 24.37
CA LEU A 707 31.44 -16.93 25.59
C LEU A 707 30.06 -17.29 26.14
N LEU A 708 29.18 -16.30 26.31
CA LEU A 708 27.83 -16.48 26.91
C LEU A 708 26.93 -17.26 25.95
N VAL A 709 26.77 -16.79 24.72
CA VAL A 709 25.85 -17.37 23.70
C VAL A 709 26.16 -18.86 23.50
N VAL A 710 27.41 -19.20 23.23
CA VAL A 710 27.86 -20.60 22.99
C VAL A 710 27.91 -21.35 24.33
N GLY A 711 28.41 -20.70 25.39
CA GLY A 711 28.50 -21.29 26.74
C GLY A 711 27.15 -21.71 27.27
N MET A 712 26.18 -20.80 27.29
CA MET A 712 24.79 -21.03 27.78
C MET A 712 24.16 -22.18 26.98
N GLY A 713 24.34 -22.17 25.66
CA GLY A 713 23.88 -23.22 24.73
C GLY A 713 24.33 -24.60 25.19
N GLY A 714 25.58 -24.73 25.62
CA GLY A 714 26.14 -25.99 26.15
C GLY A 714 25.42 -26.43 27.41
N VAL A 715 25.20 -25.52 28.34
CA VAL A 715 24.48 -25.76 29.62
C VAL A 715 23.00 -25.99 29.33
N ALA A 716 22.44 -25.32 28.31
CA ALA A 716 21.03 -25.46 27.87
C ALA A 716 20.77 -26.90 27.39
N ALA A 717 21.76 -27.51 26.73
CA ALA A 717 21.71 -28.91 26.22
C ALA A 717 21.54 -29.88 27.39
N LEU A 718 22.15 -29.58 28.53
CA LEU A 718 22.12 -30.45 29.75
C LEU A 718 20.69 -30.55 30.30
N PHE A 719 19.83 -29.56 30.02
CA PHE A 719 18.40 -29.53 30.44
C PHE A 719 17.48 -29.91 29.28
N GLY A 720 18.03 -30.42 28.16
CA GLY A 720 17.27 -30.85 26.98
C GLY A 720 16.71 -29.67 26.19
N MET A 721 17.28 -28.48 26.35
CA MET A 721 16.77 -27.23 25.74
C MET A 721 17.69 -26.82 24.60
N PRO A 722 17.17 -26.17 23.54
CA PRO A 722 17.97 -25.87 22.35
C PRO A 722 18.99 -24.75 22.59
N TRP A 723 20.23 -24.93 22.13
CA TRP A 723 21.25 -23.84 22.05
C TRP A 723 20.80 -22.83 20.99
N LEU A 724 21.20 -21.58 21.17
CA LEU A 724 20.69 -20.41 20.41
C LEU A 724 21.87 -19.70 19.75
N SER A 725 21.60 -18.57 19.09
CA SER A 725 22.61 -17.72 18.42
C SER A 725 22.06 -16.30 18.29
N ALA A 726 22.98 -15.32 18.24
CA ALA A 726 22.61 -13.91 17.97
C ALA A 726 22.09 -13.88 16.54
N THR A 727 20.77 -13.85 16.39
CA THR A 727 20.10 -13.93 15.07
C THR A 727 20.15 -12.56 14.39
N THR A 728 20.40 -12.52 13.07
CA THR A 728 20.77 -11.29 12.31
C THR A 728 19.60 -10.32 12.21
N VAL A 729 18.42 -10.80 11.79
CA VAL A 729 17.24 -9.93 11.51
C VAL A 729 16.71 -9.37 12.83
N ARG A 730 16.43 -10.22 13.82
CA ARG A 730 15.86 -9.83 15.14
C ARG A 730 16.79 -8.83 15.84
N SER A 731 18.10 -9.04 15.76
CA SER A 731 19.15 -8.18 16.38
C SER A 731 19.16 -6.81 15.70
N VAL A 732 19.23 -6.80 14.37
CA VAL A 732 19.19 -5.58 13.52
C VAL A 732 17.87 -4.85 13.78
N THR A 733 16.75 -5.58 13.75
CA THR A 733 15.38 -5.06 13.99
C THR A 733 15.33 -4.37 15.36
N HIS A 734 15.87 -5.01 16.39
CA HIS A 734 15.93 -4.51 17.79
C HIS A 734 16.83 -3.28 17.87
N ALA A 735 17.99 -3.31 17.22
CA ALA A 735 18.95 -2.16 17.14
C ALA A 735 18.27 -0.99 16.42
N ASN A 736 17.64 -1.26 15.27
CA ASN A 736 16.93 -0.27 14.42
C ASN A 736 15.74 0.33 15.18
N ALA A 737 15.13 -0.43 16.10
CA ALA A 737 13.98 0.01 16.92
C ALA A 737 14.42 1.02 17.99
N LEU A 738 15.69 0.98 18.39
CA LEU A 738 16.24 1.82 19.49
C LEU A 738 17.11 2.97 18.94
N THR A 739 17.22 3.11 17.61
CA THR A 739 17.90 4.25 16.94
C THR A 739 16.94 5.44 16.84
N VAL A 740 17.32 6.60 17.41
CA VAL A 740 16.62 7.90 17.23
C VAL A 740 17.24 8.51 15.96
N MET A 741 16.41 9.04 15.05
CA MET A 741 16.83 9.67 13.77
C MET A 741 16.69 11.19 13.91
N GLY A 742 17.60 11.94 13.28
CA GLY A 742 17.55 13.42 13.19
C GLY A 742 16.91 13.91 11.90
N LYS A 743 17.07 15.21 11.61
CA LYS A 743 16.59 15.89 10.37
C LYS A 743 15.05 15.81 10.31
N ALA A 751 18.76 13.13 6.07
CA ALA A 751 18.44 12.09 7.08
C ALA A 751 19.74 11.48 7.61
N GLN A 752 19.92 11.47 8.94
CA GLN A 752 21.11 10.91 9.64
C GLN A 752 20.70 10.41 11.04
N ILE A 753 21.53 9.55 11.63
CA ILE A 753 21.30 8.91 12.96
C ILE A 753 22.00 9.76 14.03
N GLN A 754 21.24 10.28 14.99
CA GLN A 754 21.75 11.16 16.08
C GLN A 754 22.49 10.29 17.10
N GLU A 755 21.78 9.30 17.69
CA GLU A 755 22.35 8.32 18.65
C GLU A 755 21.49 7.06 18.66
N VAL A 756 21.90 6.05 19.44
CA VAL A 756 21.20 4.75 19.61
C VAL A 756 20.94 4.56 21.12
N LYS A 757 19.72 4.17 21.48
CA LYS A 757 19.32 3.94 22.89
C LYS A 757 19.90 2.58 23.34
N GLU A 758 21.20 2.55 23.61
CA GLU A 758 21.94 1.34 24.06
C GLU A 758 21.67 1.10 25.54
N GLN A 759 20.92 0.04 25.86
CA GLN A 759 20.52 -0.34 27.25
C GLN A 759 20.20 -1.83 27.27
N ARG A 760 20.04 -2.38 28.47
CA ARG A 760 19.89 -3.83 28.72
C ARG A 760 18.41 -4.20 28.92
N ILE A 761 17.54 -3.23 29.18
CA ILE A 761 16.14 -3.48 29.67
C ILE A 761 15.27 -4.01 28.53
N SER A 762 15.39 -3.45 27.32
CA SER A 762 14.69 -3.94 26.10
C SER A 762 14.82 -5.47 26.00
N GLY A 763 16.07 -5.95 25.89
CA GLY A 763 16.41 -7.37 25.77
C GLY A 763 15.95 -8.18 26.97
N LEU A 764 16.12 -7.63 28.17
CA LEU A 764 15.73 -8.28 29.45
C LEU A 764 14.22 -8.53 29.42
N LEU A 765 13.42 -7.48 29.21
CA LEU A 765 11.93 -7.53 29.25
C LEU A 765 11.41 -8.44 28.13
N VAL A 766 11.97 -8.35 26.93
CA VAL A 766 11.61 -9.22 25.77
C VAL A 766 11.78 -10.69 26.19
N ALA A 767 12.95 -11.03 26.72
CA ALA A 767 13.31 -12.40 27.19
C ALA A 767 12.35 -12.87 28.28
N VAL A 768 11.99 -11.99 29.22
CA VAL A 768 11.02 -12.26 30.32
C VAL A 768 9.62 -12.52 29.70
N LEU A 769 9.15 -11.67 28.81
CA LEU A 769 7.82 -11.80 28.14
C LEU A 769 7.73 -13.15 27.41
N VAL A 770 8.80 -13.57 26.73
CA VAL A 770 8.89 -14.89 26.04
C VAL A 770 8.77 -15.99 27.11
N GLY A 771 9.38 -15.80 28.28
CA GLY A 771 9.24 -16.69 29.44
C GLY A 771 7.80 -16.76 29.92
N LEU A 772 7.13 -15.61 30.00
CA LEU A 772 5.76 -15.46 30.57
C LEU A 772 4.69 -15.64 29.49
N SER A 773 5.06 -15.99 28.25
CA SER A 773 4.14 -16.21 27.10
C SER A 773 3.14 -17.33 27.41
N ILE A 774 3.54 -18.35 28.18
CA ILE A 774 2.67 -19.50 28.58
C ILE A 774 1.54 -18.97 29.48
N LEU A 775 1.85 -18.06 30.41
CA LEU A 775 0.86 -17.48 31.37
C LEU A 775 -0.15 -16.64 30.61
N MET A 776 0.29 -15.89 29.59
CA MET A 776 -0.53 -14.91 28.84
C MET A 776 -1.03 -15.55 27.52
N GLU A 777 -1.52 -16.79 27.60
CA GLU A 777 -2.17 -17.53 26.48
C GLU A 777 -3.46 -16.81 26.06
N PRO A 778 -4.34 -16.38 26.99
CA PRO A 778 -5.57 -15.66 26.61
C PRO A 778 -5.34 -14.41 25.75
N ILE A 779 -4.21 -13.73 25.96
CA ILE A 779 -3.79 -12.52 25.18
C ILE A 779 -3.33 -12.98 23.79
N LEU A 780 -2.48 -13.99 23.71
CA LEU A 780 -1.81 -14.45 22.45
C LEU A 780 -2.79 -15.23 21.56
N SER A 781 -3.74 -15.96 22.17
CA SER A 781 -4.76 -16.80 21.48
C SER A 781 -5.65 -15.96 20.55
N ARG A 782 -5.67 -14.63 20.70
CA ARG A 782 -6.47 -13.70 19.87
C ARG A 782 -5.56 -12.80 19.02
N ILE A 783 -4.34 -13.27 18.74
CA ILE A 783 -3.37 -12.60 17.82
C ILE A 783 -3.17 -13.52 16.62
N PRO A 784 -3.68 -13.15 15.41
CA PRO A 784 -3.44 -13.94 14.20
C PRO A 784 -1.96 -13.99 13.78
N LEU A 785 -1.54 -15.11 13.18
CA LEU A 785 -0.18 -15.24 12.57
C LEU A 785 -0.08 -14.34 11.34
N ALA A 786 -1.16 -14.25 10.56
CA ALA A 786 -1.31 -13.39 9.36
C ALA A 786 -0.87 -11.95 9.69
N VAL A 787 -1.27 -11.45 10.87
CA VAL A 787 -0.91 -10.08 11.36
C VAL A 787 0.62 -10.02 11.48
N LEU A 788 1.19 -10.96 12.23
CA LEU A 788 2.65 -11.06 12.47
C LEU A 788 3.43 -11.26 11.16
N PHE A 789 2.86 -11.93 10.15
CA PHE A 789 3.48 -12.09 8.80
C PHE A 789 3.68 -10.72 8.14
N GLY A 790 2.79 -9.77 8.40
CA GLY A 790 2.90 -8.36 7.96
C GLY A 790 4.05 -7.65 8.65
N ILE A 791 4.32 -7.99 9.91
CA ILE A 791 5.41 -7.40 10.73
C ILE A 791 6.75 -7.99 10.28
N PHE A 792 6.79 -9.29 9.97
CA PHE A 792 8.01 -9.98 9.46
C PHE A 792 8.40 -9.40 8.11
N LEU A 793 7.43 -9.07 7.25
CA LEU A 793 7.70 -8.44 5.94
C LEU A 793 8.32 -7.07 6.18
N TYR A 794 7.75 -6.30 7.11
CA TYR A 794 8.24 -4.96 7.55
C TYR A 794 9.67 -5.10 8.08
N MET A 795 9.92 -6.08 8.95
CA MET A 795 11.26 -6.39 9.51
C MET A 795 12.26 -6.65 8.37
N GLY A 796 11.89 -7.53 7.43
CA GLY A 796 12.75 -7.94 6.30
C GLY A 796 13.13 -6.77 5.42
N VAL A 797 12.16 -5.94 5.04
CA VAL A 797 12.37 -4.73 4.18
C VAL A 797 13.28 -3.75 4.92
N THR A 798 12.93 -3.44 6.17
CA THR A 798 13.61 -2.43 7.04
C THR A 798 15.07 -2.85 7.29
N SER A 799 15.38 -4.15 7.30
CA SER A 799 16.73 -4.70 7.57
C SER A 799 17.70 -4.40 6.43
N LEU A 800 17.20 -4.09 5.23
CA LEU A 800 18.02 -3.82 4.01
C LEU A 800 18.56 -2.37 4.03
N SER A 801 18.09 -1.52 4.95
CA SER A 801 18.30 -0.05 4.98
C SER A 801 19.79 0.29 4.87
N GLY A 802 20.60 -0.20 5.81
CA GLY A 802 22.03 0.16 5.95
C GLY A 802 22.96 -0.86 5.31
N ILE A 803 22.67 -1.27 4.08
CA ILE A 803 23.43 -2.31 3.31
C ILE A 803 23.83 -1.71 1.95
N GLN A 804 25.12 -1.44 1.75
CA GLN A 804 25.69 -0.84 0.51
C GLN A 804 25.50 -1.78 -0.69
N LEU A 805 25.39 -3.10 -0.45
CA LEU A 805 25.10 -4.09 -1.51
C LEU A 805 23.74 -3.76 -2.13
N PHE A 806 22.68 -3.72 -1.32
CA PHE A 806 21.29 -3.38 -1.72
C PHE A 806 21.26 -2.00 -2.38
N ASP A 807 22.04 -1.05 -1.86
CA ASP A 807 22.17 0.33 -2.41
C ASP A 807 22.72 0.24 -3.84
N ARG A 808 23.78 -0.54 -4.03
CA ARG A 808 24.48 -0.75 -5.33
C ARG A 808 23.63 -1.58 -6.29
N ILE A 809 22.69 -2.39 -5.77
CA ILE A 809 21.74 -3.21 -6.58
C ILE A 809 20.74 -2.25 -7.25
N LEU A 810 20.25 -1.25 -6.51
CA LEU A 810 19.29 -0.24 -7.01
C LEU A 810 19.96 0.68 -8.04
N LEU A 811 21.29 0.84 -7.98
CA LEU A 811 22.06 1.67 -8.96
C LEU A 811 22.15 0.96 -10.31
N LEU A 812 22.00 -0.38 -10.36
CA LEU A 812 21.92 -1.14 -11.64
C LEU A 812 20.74 -0.67 -12.47
N PHE A 813 19.65 -0.22 -11.83
CA PHE A 813 18.37 0.16 -12.46
C PHE A 813 18.30 1.68 -12.68
N LYS A 814 18.94 2.48 -11.82
CA LYS A 814 19.03 3.96 -11.97
C LYS A 814 20.01 4.28 -13.10
N PRO A 815 19.72 5.27 -13.98
CA PRO A 815 20.70 5.76 -14.94
C PRO A 815 21.94 6.34 -14.27
N PRO A 816 23.10 6.41 -14.98
CA PRO A 816 24.37 6.78 -14.35
C PRO A 816 24.56 8.29 -14.06
N LYS A 817 23.51 9.10 -14.21
CA LYS A 817 23.52 10.56 -13.89
C LYS A 817 22.56 10.86 -12.73
N TYR A 818 22.04 9.83 -12.05
CA TYR A 818 21.15 9.93 -10.86
C TYR A 818 21.73 9.16 -9.66
N HIS A 819 22.99 8.70 -9.75
CA HIS A 819 23.68 7.95 -8.67
C HIS A 819 24.11 8.93 -7.58
N PRO A 820 23.97 8.59 -6.27
CA PRO A 820 24.34 9.51 -5.18
C PRO A 820 25.81 9.92 -5.18
N ASP A 821 26.11 11.07 -4.55
CA ASP A 821 27.50 11.58 -4.32
C ASP A 821 28.10 10.79 -3.15
N VAL A 822 28.72 9.64 -3.45
CA VAL A 822 29.35 8.71 -2.46
C VAL A 822 30.73 8.33 -2.97
N PRO A 823 31.66 7.89 -2.08
CA PRO A 823 33.03 7.54 -2.48
C PRO A 823 33.16 6.53 -3.64
N TYR A 824 32.25 5.56 -3.73
CA TYR A 824 32.33 4.42 -4.68
C TYR A 824 31.60 4.74 -6.00
N VAL A 825 31.21 6.00 -6.22
CA VAL A 825 30.55 6.49 -7.46
C VAL A 825 31.43 7.54 -8.16
N LYS A 826 31.98 8.50 -7.40
CA LYS A 826 32.76 9.65 -7.93
C LYS A 826 34.10 9.18 -8.52
N ARG A 827 34.82 8.32 -7.80
CA ARG A 827 36.19 7.87 -8.20
C ARG A 827 36.20 6.36 -8.51
N VAL A 828 35.09 5.83 -9.05
CA VAL A 828 34.97 4.44 -9.58
C VAL A 828 34.10 4.47 -10.83
N LYS A 829 34.51 3.77 -11.90
CA LYS A 829 33.78 3.70 -13.19
C LYS A 829 32.51 2.87 -13.00
N THR A 830 31.39 3.33 -13.56
CA THR A 830 30.02 2.80 -13.29
C THR A 830 29.92 1.33 -13.70
N TRP A 831 30.59 0.92 -14.78
CA TRP A 831 30.57 -0.47 -15.29
C TRP A 831 31.38 -1.39 -14.37
N ARG A 832 32.38 -0.85 -13.67
CA ARG A 832 33.25 -1.62 -12.73
C ARG A 832 32.54 -1.74 -11.39
N MET A 833 31.81 -0.69 -10.97
CA MET A 833 30.90 -0.74 -9.80
C MET A 833 29.93 -1.90 -9.99
N HIS A 834 29.24 -1.93 -11.14
CA HIS A 834 28.18 -2.92 -11.48
C HIS A 834 28.77 -4.33 -11.56
N LEU A 835 29.98 -4.48 -12.09
CA LEU A 835 30.73 -5.78 -12.12
C LEU A 835 30.95 -6.26 -10.68
N PHE A 836 31.42 -5.39 -9.79
CA PHE A 836 31.66 -5.68 -8.35
C PHE A 836 30.34 -6.06 -7.67
N THR A 837 29.24 -5.36 -7.98
CA THR A 837 27.87 -5.71 -7.53
C THR A 837 27.46 -7.05 -8.12
N GLY A 838 27.69 -7.26 -9.41
CA GLY A 838 27.36 -8.50 -10.12
C GLY A 838 28.01 -9.71 -9.47
N ILE A 839 29.28 -9.58 -9.06
CA ILE A 839 30.07 -10.70 -8.45
C ILE A 839 29.45 -11.06 -7.10
N GLN A 840 28.94 -10.07 -6.36
CA GLN A 840 28.30 -10.26 -5.04
C GLN A 840 26.92 -10.92 -5.21
N ILE A 841 26.21 -10.64 -6.30
CA ILE A 841 24.93 -11.34 -6.66
C ILE A 841 25.23 -12.82 -6.95
N ILE A 842 26.28 -13.11 -7.71
CA ILE A 842 26.69 -14.50 -8.05
C ILE A 842 26.98 -15.25 -6.74
N CYS A 843 27.56 -14.58 -5.74
CA CYS A 843 27.81 -15.15 -4.38
C CYS A 843 26.48 -15.38 -3.66
N LEU A 844 25.56 -14.41 -3.73
CA LEU A 844 24.19 -14.55 -3.16
C LEU A 844 23.47 -15.73 -3.81
N ALA A 845 23.58 -15.85 -5.14
CA ALA A 845 22.95 -16.90 -5.97
C ALA A 845 23.49 -18.27 -5.55
N VAL A 846 24.82 -18.42 -5.50
CA VAL A 846 25.52 -19.67 -5.09
C VAL A 846 25.09 -20.05 -3.66
N LEU A 847 25.07 -19.08 -2.74
CA LEU A 847 24.68 -19.26 -1.32
C LEU A 847 23.20 -19.67 -1.21
N TRP A 848 22.34 -19.14 -2.08
CA TRP A 848 20.89 -19.47 -2.10
C TRP A 848 20.68 -20.93 -2.49
N VAL A 849 21.44 -21.42 -3.48
CA VAL A 849 21.38 -22.83 -3.98
C VAL A 849 21.83 -23.78 -2.85
N VAL A 850 22.86 -23.39 -2.10
CA VAL A 850 23.40 -24.26 -1.01
C VAL A 850 22.34 -24.37 0.10
N LYS A 851 21.78 -23.24 0.53
CA LYS A 851 20.79 -23.24 1.63
C LYS A 851 19.62 -24.18 1.28
N SER A 852 19.27 -24.25 -0.01
CA SER A 852 18.13 -25.09 -0.45
C SER A 852 18.56 -26.56 -0.50
N THR A 853 19.66 -26.87 -1.19
CA THR A 853 20.13 -28.28 -1.33
C THR A 853 20.37 -28.96 0.01
N PRO A 854 20.56 -30.31 0.05
CA PRO A 854 20.96 -31.02 1.27
C PRO A 854 22.28 -30.61 1.94
N ALA A 855 23.13 -29.81 1.26
CA ALA A 855 24.39 -29.26 1.79
C ALA A 855 24.14 -27.90 2.47
N SER A 856 23.03 -27.77 3.20
CA SER A 856 22.56 -26.49 3.81
C SER A 856 23.43 -26.11 5.01
N LEU A 857 23.97 -27.09 5.73
CA LEU A 857 24.90 -26.89 6.88
C LEU A 857 26.32 -26.57 6.38
N ALA A 858 26.57 -26.65 5.06
CA ALA A 858 27.84 -26.26 4.40
C ALA A 858 27.81 -24.79 3.97
N LEU A 859 26.70 -24.07 4.18
CA LEU A 859 26.52 -22.64 3.78
C LEU A 859 27.46 -21.73 4.57
N PRO A 860 27.67 -21.92 5.91
CA PRO A 860 28.62 -21.10 6.66
C PRO A 860 30.03 -21.14 6.08
N PHE A 861 30.44 -22.29 5.52
CA PHE A 861 31.78 -22.51 4.91
C PHE A 861 31.83 -21.80 3.55
N VAL A 862 30.73 -21.81 2.80
CA VAL A 862 30.59 -21.10 1.48
C VAL A 862 30.70 -19.59 1.74
N LEU A 863 30.08 -19.10 2.81
CA LEU A 863 30.15 -17.66 3.20
C LEU A 863 31.57 -17.26 3.58
N ILE A 864 32.29 -18.11 4.32
CA ILE A 864 33.73 -17.91 4.70
C ILE A 864 34.59 -17.81 3.42
N LEU A 865 34.23 -18.52 2.34
CA LEU A 865 34.98 -18.55 1.06
C LEU A 865 34.89 -17.17 0.37
N THR A 866 33.91 -16.32 0.74
CA THR A 866 33.80 -14.93 0.22
C THR A 866 34.92 -14.04 0.80
N VAL A 867 35.59 -14.47 1.88
CA VAL A 867 36.76 -13.74 2.45
C VAL A 867 37.96 -13.91 1.50
N PRO A 868 38.42 -15.15 1.16
CA PRO A 868 39.40 -15.34 0.10
C PRO A 868 39.08 -14.55 -1.18
N LEU A 869 37.83 -14.61 -1.66
CA LEU A 869 37.35 -13.94 -2.90
C LEU A 869 37.74 -12.46 -2.84
N ARG A 870 37.43 -11.78 -1.73
CA ARG A 870 37.74 -10.34 -1.52
C ARG A 870 39.26 -10.16 -1.37
N ARG A 871 39.93 -11.05 -0.63
CA ARG A 871 41.34 -10.88 -0.18
C ARG A 871 42.33 -11.35 -1.25
N VAL A 872 41.91 -12.21 -2.18
CA VAL A 872 42.80 -12.89 -3.18
C VAL A 872 42.36 -12.56 -4.61
N LEU A 873 41.11 -12.89 -4.98
CA LEU A 873 40.63 -12.90 -6.39
C LEU A 873 40.27 -11.49 -6.85
N LEU A 874 39.50 -10.73 -6.07
CA LEU A 874 38.98 -9.38 -6.46
C LEU A 874 40.11 -8.41 -6.76
N PRO A 875 41.22 -8.38 -5.99
CA PRO A 875 42.39 -7.56 -6.34
C PRO A 875 43.18 -7.98 -7.60
N LEU A 876 42.76 -9.04 -8.30
CA LEU A 876 43.33 -9.43 -9.62
C LEU A 876 42.56 -8.73 -10.74
N ILE A 877 41.23 -8.62 -10.62
CA ILE A 877 40.34 -8.00 -11.65
C ILE A 877 40.18 -6.50 -11.35
N PHE A 878 40.13 -6.12 -10.07
CA PHE A 878 40.02 -4.71 -9.60
C PHE A 878 41.38 -4.16 -9.19
N ARG A 879 41.47 -2.85 -9.03
CA ARG A 879 42.65 -2.12 -8.50
C ARG A 879 42.46 -1.92 -6.99
N ASN A 880 43.50 -1.48 -6.30
CA ASN A 880 43.50 -1.26 -4.82
C ASN A 880 42.51 -0.13 -4.49
N VAL A 881 42.60 1.00 -5.20
CA VAL A 881 41.83 2.25 -4.93
C VAL A 881 40.32 1.97 -5.03
N GLU A 882 39.91 1.16 -6.00
CA GLU A 882 38.49 0.81 -6.28
C GLU A 882 37.92 -0.02 -5.12
N LEU A 883 38.68 -1.03 -4.66
CA LEU A 883 38.28 -1.95 -3.57
C LEU A 883 38.18 -1.19 -2.24
N GLN A 884 39.11 -0.27 -1.98
CA GLN A 884 39.13 0.56 -0.75
C GLN A 884 37.85 1.41 -0.67
N CYS A 885 37.35 1.88 -1.82
CA CYS A 885 36.15 2.76 -1.93
C CYS A 885 34.86 1.93 -1.90
N LEU A 886 34.85 0.78 -2.60
CA LEU A 886 33.67 -0.14 -2.67
C LEU A 886 33.51 -0.87 -1.34
N ASP A 887 34.59 -1.48 -0.85
CA ASP A 887 34.65 -2.23 0.43
C ASP A 887 35.38 -1.38 1.47
N ALA A 888 34.68 -0.40 2.05
CA ALA A 888 35.19 0.54 3.09
C ALA A 888 34.66 0.11 4.46
N ASP A 889 35.53 0.09 5.49
CA ASP A 889 35.17 -0.28 6.89
C ASP A 889 34.28 0.81 7.50
N ASP A 890 34.57 2.08 7.22
CA ASP A 890 33.82 3.27 7.69
C ASP A 890 33.58 4.22 6.50
N ALA A 891 32.32 4.64 6.30
CA ALA A 891 31.89 5.54 5.21
C ALA A 891 30.86 6.54 5.75
N ASP B 369 -9.38 39.78 -24.51
CA ASP B 369 -8.69 38.46 -24.77
C ASP B 369 -9.30 37.36 -23.89
N ASP B 370 -9.66 37.68 -22.65
CA ASP B 370 -10.23 36.72 -21.65
C ASP B 370 -11.55 36.17 -22.17
N PRO B 371 -11.88 34.87 -21.89
CA PRO B 371 -13.13 34.28 -22.38
C PRO B 371 -14.40 34.88 -21.78
N LEU B 372 -14.38 35.21 -20.48
CA LEU B 372 -15.56 35.63 -19.69
C LEU B 372 -15.68 37.17 -19.67
N GLN B 373 -15.61 37.79 -20.86
CA GLN B 373 -15.85 39.24 -21.07
C GLN B 373 -17.09 39.48 -21.93
N GLN B 374 -18.03 40.28 -21.43
CA GLN B 374 -19.35 40.52 -22.09
C GLN B 374 -19.19 41.51 -23.26
N THR B 375 -19.35 40.99 -24.49
CA THR B 375 -18.88 41.62 -25.76
C THR B 375 -19.86 42.75 -26.10
N GLY B 376 -21.16 42.44 -26.15
CA GLY B 376 -22.23 43.35 -26.56
C GLY B 376 -23.01 42.81 -27.75
N GLN B 377 -22.32 42.11 -28.66
CA GLN B 377 -22.92 41.47 -29.86
C GLN B 377 -23.66 40.21 -29.42
N LEU B 378 -24.90 40.01 -29.89
CA LEU B 378 -25.71 38.80 -29.60
C LEU B 378 -25.01 37.59 -30.25
N PHE B 379 -24.78 36.52 -29.46
CA PHE B 379 -23.93 35.35 -29.78
C PHE B 379 -22.48 35.81 -30.03
N GLY B 380 -22.03 36.84 -29.32
CA GLY B 380 -20.66 37.37 -29.44
C GLY B 380 -19.65 36.46 -28.77
N GLY B 381 -20.03 35.86 -27.64
CA GLY B 381 -19.21 34.89 -26.89
C GLY B 381 -19.02 33.60 -27.68
N LEU B 382 -20.11 33.05 -28.23
CA LEU B 382 -20.12 31.80 -29.03
C LEU B 382 -19.14 31.91 -30.20
N VAL B 383 -19.18 33.01 -30.94
CA VAL B 383 -18.34 33.25 -32.16
C VAL B 383 -16.88 33.46 -31.73
N ARG B 384 -16.66 34.26 -30.69
CA ARG B 384 -15.30 34.57 -30.14
C ARG B 384 -14.63 33.29 -29.60
N ASP B 385 -15.42 32.29 -29.17
CA ASP B 385 -14.92 30.97 -28.73
C ASP B 385 -14.51 30.15 -29.96
N ILE B 386 -15.33 30.15 -31.01
CA ILE B 386 -15.09 29.42 -32.30
C ILE B 386 -13.86 30.03 -32.98
N ARG B 387 -13.80 31.37 -33.06
CA ARG B 387 -12.67 32.13 -33.66
C ARG B 387 -11.35 31.82 -32.93
N ARG B 388 -11.41 31.50 -31.63
CA ARG B 388 -10.21 31.28 -30.77
C ARG B 388 -9.61 29.89 -31.00
N ARG B 389 -10.43 28.83 -30.94
CA ARG B 389 -9.96 27.42 -30.79
C ARG B 389 -9.79 26.73 -32.15
N TYR B 390 -10.71 26.95 -33.10
CA TYR B 390 -10.77 26.24 -34.41
C TYR B 390 -9.55 26.53 -35.26
N PRO B 391 -8.88 27.73 -35.18
CA PRO B 391 -7.55 27.88 -35.76
C PRO B 391 -6.52 26.81 -35.40
N TYR B 392 -6.58 26.26 -34.18
CA TYR B 392 -5.66 25.19 -33.68
C TYR B 392 -6.30 23.81 -33.82
N TYR B 393 -7.12 23.59 -34.87
CA TYR B 393 -7.87 22.31 -35.07
C TYR B 393 -6.93 21.23 -35.61
N LEU B 394 -6.09 21.58 -36.59
CA LEU B 394 -5.07 20.66 -37.17
C LEU B 394 -4.12 20.21 -36.06
N SER B 395 -3.77 21.12 -35.14
CA SER B 395 -2.97 20.82 -33.92
C SER B 395 -3.68 19.78 -33.06
N ASP B 396 -5.02 19.91 -32.92
CA ASP B 396 -5.87 19.02 -32.08
C ASP B 396 -5.92 17.58 -32.64
N ILE B 397 -5.49 17.36 -33.88
CA ILE B 397 -5.30 15.98 -34.47
C ILE B 397 -3.85 15.54 -34.22
N THR B 398 -2.87 16.37 -34.57
CA THR B 398 -1.42 16.04 -34.58
C THR B 398 -0.86 15.93 -33.15
N ASP B 399 -1.43 16.66 -32.19
CA ASP B 399 -0.98 16.66 -30.77
C ASP B 399 -1.36 15.34 -30.08
N ALA B 400 -2.25 14.54 -30.69
CA ALA B 400 -2.76 13.27 -30.15
C ALA B 400 -1.85 12.09 -30.54
N PHE B 401 -0.76 12.33 -31.27
CA PHE B 401 0.10 11.29 -31.91
C PHE B 401 1.17 10.77 -30.92
N SER B 402 0.98 10.97 -29.62
CA SER B 402 1.89 10.53 -28.53
C SER B 402 1.32 9.29 -27.85
N PRO B 403 2.15 8.48 -27.14
CA PRO B 403 1.65 7.32 -26.41
C PRO B 403 0.83 7.68 -25.16
N GLN B 404 1.11 8.83 -24.53
CA GLN B 404 0.41 9.33 -23.32
C GLN B 404 -1.08 9.54 -23.64
N VAL B 405 -1.40 9.91 -24.88
CA VAL B 405 -2.79 10.05 -25.39
C VAL B 405 -3.45 8.67 -25.43
N LEU B 406 -2.78 7.67 -26.04
CA LEU B 406 -3.29 6.27 -26.13
C LEU B 406 -3.54 5.73 -24.72
N ALA B 407 -2.59 5.96 -23.80
CA ALA B 407 -2.70 5.57 -22.38
C ALA B 407 -3.94 6.22 -21.75
N ALA B 408 -4.17 7.50 -22.01
CA ALA B 408 -5.31 8.30 -21.50
C ALA B 408 -6.63 7.73 -22.06
N VAL B 409 -6.66 7.36 -23.34
CA VAL B 409 -7.85 6.76 -24.02
C VAL B 409 -8.30 5.52 -23.24
N ILE B 410 -7.36 4.61 -22.93
CA ILE B 410 -7.65 3.31 -22.27
C ILE B 410 -8.14 3.57 -20.85
N PHE B 411 -7.51 4.51 -20.14
CA PHE B 411 -7.82 4.89 -18.73
C PHE B 411 -9.23 5.51 -18.67
N ILE B 412 -9.46 6.59 -19.41
CA ILE B 412 -10.69 7.42 -19.34
C ILE B 412 -11.88 6.64 -19.88
N TYR B 413 -11.65 5.67 -20.78
CA TYR B 413 -12.69 4.75 -21.30
C TYR B 413 -13.40 4.04 -20.15
N PHE B 414 -12.64 3.42 -19.25
CA PHE B 414 -13.18 2.66 -18.08
C PHE B 414 -13.80 3.64 -17.07
N ALA B 415 -13.19 4.81 -16.90
CA ALA B 415 -13.73 5.92 -16.08
C ALA B 415 -15.04 6.42 -16.66
N ALA B 416 -15.19 6.41 -17.99
CA ALA B 416 -16.38 6.86 -18.74
C ALA B 416 -17.45 5.76 -18.77
N LEU B 417 -17.06 4.51 -19.05
CA LEU B 417 -17.97 3.36 -19.30
C LEU B 417 -18.72 3.01 -18.01
N SER B 418 -18.00 2.66 -16.96
CA SER B 418 -18.53 2.02 -15.72
C SER B 418 -19.64 2.85 -15.08
N PRO B 419 -19.53 4.20 -14.98
CA PRO B 419 -20.65 5.02 -14.57
C PRO B 419 -21.89 4.89 -15.47
N ALA B 420 -21.69 4.83 -16.79
CA ALA B 420 -22.76 4.67 -17.79
C ALA B 420 -23.45 3.32 -17.59
N ILE B 421 -22.70 2.29 -17.20
CA ILE B 421 -23.22 0.92 -16.89
C ILE B 421 -23.98 0.98 -15.56
N THR B 422 -23.42 1.67 -14.56
CA THR B 422 -23.97 1.77 -13.19
C THR B 422 -25.22 2.64 -13.19
N PHE B 423 -25.10 3.91 -13.54
CA PHE B 423 -26.22 4.90 -13.59
C PHE B 423 -27.31 4.38 -14.54
N GLY B 424 -26.91 3.77 -15.66
CA GLY B 424 -27.82 3.09 -16.59
C GLY B 424 -28.59 1.97 -15.91
N GLY B 425 -27.88 1.15 -15.14
CA GLY B 425 -28.49 0.11 -14.27
C GLY B 425 -29.53 0.71 -13.35
N LEU B 426 -29.15 1.77 -12.63
CA LEU B 426 -30.01 2.48 -11.64
C LEU B 426 -31.22 3.10 -12.36
N LEU B 427 -30.99 3.81 -13.46
CA LEU B 427 -32.06 4.36 -14.35
C LEU B 427 -33.05 3.26 -14.74
N GLY B 428 -32.55 2.07 -15.09
CA GLY B 428 -33.36 0.89 -15.45
C GLY B 428 -34.18 0.50 -14.23
N GLU B 429 -33.55 0.48 -13.04
CA GLU B 429 -34.24 0.18 -11.75
C GLU B 429 -35.26 1.33 -11.56
N LYS B 430 -34.80 2.58 -11.46
CA LYS B 430 -35.72 3.70 -11.09
C LYS B 430 -36.95 4.01 -12.00
N THR B 431 -36.80 3.85 -13.32
CA THR B 431 -37.88 4.22 -14.27
C THR B 431 -38.53 3.07 -15.06
N ARG B 432 -38.54 1.85 -14.54
CA ARG B 432 -39.11 0.63 -15.20
C ARG B 432 -38.55 0.51 -16.63
N ASN B 433 -37.22 0.64 -16.78
CA ASN B 433 -36.46 0.44 -18.04
C ASN B 433 -37.00 1.33 -19.17
N GLN B 434 -37.69 2.44 -18.84
CA GLN B 434 -38.10 3.47 -19.83
C GLN B 434 -36.84 4.20 -20.30
N MET B 435 -35.81 4.26 -19.44
CA MET B 435 -34.43 4.65 -19.80
C MET B 435 -33.46 3.75 -19.04
N GLY B 436 -32.37 3.29 -19.67
CA GLY B 436 -31.46 2.28 -19.10
C GLY B 436 -30.04 2.38 -19.65
N VAL B 437 -29.32 1.27 -19.61
CA VAL B 437 -27.87 1.18 -19.96
C VAL B 437 -27.69 1.43 -21.46
N SER B 438 -28.43 0.71 -22.30
CA SER B 438 -28.43 0.83 -23.79
C SER B 438 -28.52 2.31 -24.18
N GLU B 439 -29.53 3.02 -23.67
CA GLU B 439 -29.84 4.43 -24.03
C GLU B 439 -28.70 5.34 -23.58
N LEU B 440 -28.14 5.08 -22.39
CA LEU B 440 -27.11 5.96 -21.78
C LEU B 440 -25.77 5.77 -22.49
N LEU B 441 -25.37 4.51 -22.76
CA LEU B 441 -24.19 4.16 -23.58
C LEU B 441 -24.25 4.87 -24.93
N ILE B 442 -25.39 4.81 -25.62
CA ILE B 442 -25.58 5.43 -26.97
C ILE B 442 -25.49 6.95 -26.85
N SER B 443 -26.18 7.55 -25.86
CA SER B 443 -26.13 9.01 -25.56
C SER B 443 -24.69 9.45 -25.25
N THR B 444 -24.01 8.74 -24.36
CA THR B 444 -22.61 9.02 -23.94
C THR B 444 -21.68 8.99 -25.16
N ALA B 445 -21.92 8.08 -26.10
CA ALA B 445 -21.09 7.88 -27.31
C ALA B 445 -21.34 9.03 -28.30
N VAL B 446 -22.60 9.25 -28.68
CA VAL B 446 -22.98 10.19 -29.77
C VAL B 446 -22.66 11.64 -29.34
N GLN B 447 -23.00 12.00 -28.10
CA GLN B 447 -22.70 13.34 -27.52
C GLN B 447 -21.18 13.48 -27.36
N GLY B 448 -20.50 12.42 -26.92
CA GLY B 448 -19.04 12.40 -26.75
C GLY B 448 -18.29 12.60 -28.05
N ILE B 449 -18.72 11.92 -29.12
CA ILE B 449 -18.15 12.04 -30.51
C ILE B 449 -18.34 13.49 -30.96
N LEU B 450 -19.58 13.97 -30.95
CA LEU B 450 -19.97 15.33 -31.44
C LEU B 450 -19.20 16.40 -30.67
N PHE B 451 -19.14 16.28 -29.34
CA PHE B 451 -18.49 17.27 -28.44
C PHE B 451 -16.98 17.28 -28.66
N ALA B 452 -16.36 16.11 -28.84
CA ALA B 452 -14.91 15.96 -29.13
C ALA B 452 -14.57 16.71 -30.43
N LEU B 453 -15.41 16.57 -31.47
CA LEU B 453 -15.21 17.21 -32.79
C LEU B 453 -15.47 18.72 -32.69
N LEU B 454 -16.64 19.13 -32.19
CA LEU B 454 -17.18 20.50 -32.35
C LEU B 454 -16.89 21.39 -31.12
N GLY B 455 -16.56 20.80 -29.96
CA GLY B 455 -16.42 21.52 -28.68
C GLY B 455 -15.29 22.53 -28.67
N ALA B 456 -15.31 23.45 -27.69
CA ALA B 456 -14.26 24.47 -27.42
C ALA B 456 -13.18 23.88 -26.50
N GLN B 457 -13.57 23.06 -25.52
CA GLN B 457 -12.66 22.34 -24.59
C GLN B 457 -12.86 20.84 -24.77
N PRO B 458 -12.12 20.18 -25.68
CA PRO B 458 -12.22 18.73 -25.87
C PRO B 458 -11.81 17.87 -24.66
N LEU B 459 -11.12 18.44 -23.67
CA LEU B 459 -10.64 17.74 -22.45
C LEU B 459 -11.82 17.41 -21.52
N LEU B 460 -12.95 18.11 -21.64
CA LEU B 460 -14.18 17.81 -20.85
C LEU B 460 -14.73 16.45 -21.28
N VAL B 461 -14.91 15.54 -20.33
CA VAL B 461 -15.58 14.21 -20.53
C VAL B 461 -17.07 14.42 -20.26
N VAL B 462 -17.90 14.38 -21.31
CA VAL B 462 -19.38 14.57 -21.23
C VAL B 462 -20.02 13.23 -20.85
N GLY B 463 -20.80 13.19 -19.79
CA GLY B 463 -21.47 11.97 -19.31
C GLY B 463 -22.57 12.26 -18.31
N PHE B 464 -23.16 11.20 -17.75
CA PHE B 464 -24.29 11.25 -16.80
C PHE B 464 -23.77 11.26 -15.37
N SER B 465 -24.26 12.18 -14.55
CA SER B 465 -23.86 12.40 -13.14
C SER B 465 -25.00 12.01 -12.19
N GLY B 466 -24.72 11.98 -10.89
CA GLY B 466 -25.71 11.71 -9.82
C GLY B 466 -26.84 12.73 -9.80
N PRO B 467 -26.53 14.06 -9.73
CA PRO B 467 -27.57 15.09 -9.75
C PRO B 467 -28.59 14.95 -10.88
N LEU B 468 -28.14 14.48 -12.06
CA LEU B 468 -29.02 14.17 -13.22
C LEU B 468 -29.87 12.93 -12.90
N LEU B 469 -29.28 11.91 -12.26
CA LEU B 469 -30.02 10.68 -11.83
C LEU B 469 -31.11 11.07 -10.82
N VAL B 470 -30.77 11.92 -9.86
CA VAL B 470 -31.71 12.37 -8.77
C VAL B 470 -32.90 13.06 -9.43
N PHE B 471 -32.69 13.81 -10.51
CA PHE B 471 -33.77 14.50 -11.26
C PHE B 471 -34.67 13.48 -11.98
N GLU B 472 -34.09 12.45 -12.60
CA GLU B 472 -34.83 11.44 -13.40
C GLU B 472 -35.73 10.67 -12.43
N GLU B 473 -35.16 10.26 -11.28
CA GLU B 473 -35.89 9.54 -10.20
C GLU B 473 -37.03 10.43 -9.67
N ALA B 474 -36.72 11.70 -9.39
CA ALA B 474 -37.70 12.74 -8.99
C ALA B 474 -38.80 13.03 -10.01
N PHE B 475 -38.43 13.17 -11.29
CA PHE B 475 -39.37 13.49 -12.40
C PHE B 475 -40.25 12.28 -12.71
N PHE B 476 -39.73 11.06 -12.55
CA PHE B 476 -40.48 9.79 -12.75
C PHE B 476 -41.59 9.71 -11.70
N SER B 477 -41.26 9.96 -10.43
CA SER B 477 -42.19 9.93 -9.26
C SER B 477 -43.31 10.95 -9.46
N PHE B 478 -42.98 12.15 -9.97
CA PHE B 478 -43.94 13.21 -10.36
C PHE B 478 -44.87 12.64 -11.43
N CYS B 479 -44.31 12.26 -12.58
CA CYS B 479 -45.02 11.75 -13.79
C CYS B 479 -45.95 10.57 -13.43
N GLU B 480 -45.55 9.73 -12.48
CA GLU B 480 -46.37 8.61 -11.94
C GLU B 480 -47.59 9.16 -11.19
N THR B 481 -47.33 9.95 -10.14
CA THR B 481 -48.34 10.52 -9.19
C THR B 481 -49.45 11.26 -9.96
N ASN B 482 -49.06 12.05 -10.96
CA ASN B 482 -49.97 12.94 -11.74
C ASN B 482 -50.57 12.19 -12.95
N GLY B 483 -50.05 11.00 -13.28
CA GLY B 483 -50.59 10.11 -14.32
C GLY B 483 -50.37 10.67 -15.72
N LEU B 484 -49.17 11.18 -15.99
CA LEU B 484 -48.72 11.67 -17.32
C LEU B 484 -47.45 10.91 -17.71
N GLU B 485 -47.30 10.61 -19.01
CA GLU B 485 -46.21 9.75 -19.57
C GLU B 485 -44.86 10.42 -19.29
N TYR B 486 -43.88 9.64 -18.82
CA TYR B 486 -42.56 10.11 -18.31
C TYR B 486 -41.62 10.45 -19.47
N ILE B 487 -41.39 9.48 -20.36
CA ILE B 487 -40.35 9.58 -21.43
C ILE B 487 -40.71 10.71 -22.40
N VAL B 488 -42.00 10.94 -22.68
CA VAL B 488 -42.47 12.07 -23.53
C VAL B 488 -42.34 13.38 -22.73
N GLY B 489 -42.52 13.31 -21.41
CA GLY B 489 -42.32 14.44 -20.48
C GLY B 489 -40.93 15.03 -20.59
N ARG B 490 -39.90 14.17 -20.67
CA ARG B 490 -38.47 14.55 -20.84
C ARG B 490 -38.23 15.24 -22.20
N VAL B 491 -38.95 14.86 -23.25
CA VAL B 491 -38.84 15.49 -24.60
C VAL B 491 -39.14 16.99 -24.47
N TRP B 492 -40.18 17.35 -23.72
CA TRP B 492 -40.64 18.73 -23.53
C TRP B 492 -39.65 19.51 -22.66
N ILE B 493 -39.12 18.87 -21.63
CA ILE B 493 -37.98 19.43 -20.83
C ILE B 493 -36.82 19.71 -21.79
N GLY B 494 -36.56 18.76 -22.71
CA GLY B 494 -35.50 18.87 -23.73
C GLY B 494 -35.68 20.08 -24.62
N PHE B 495 -36.91 20.37 -25.06
CA PHE B 495 -37.25 21.53 -25.92
C PHE B 495 -37.00 22.84 -25.17
N TRP B 496 -37.40 22.90 -23.89
CA TRP B 496 -37.17 24.06 -22.98
C TRP B 496 -35.67 24.27 -22.76
N LEU B 497 -34.88 23.20 -22.64
CA LEU B 497 -33.40 23.27 -22.44
C LEU B 497 -32.74 23.84 -23.71
N ILE B 498 -33.20 23.45 -24.90
CA ILE B 498 -32.71 24.00 -26.19
C ILE B 498 -33.07 25.49 -26.25
N LEU B 499 -34.30 25.84 -25.87
CA LEU B 499 -34.78 27.25 -25.88
C LEU B 499 -33.91 28.09 -24.93
N LEU B 500 -33.67 27.61 -23.72
CA LEU B 500 -32.95 28.35 -22.64
C LEU B 500 -31.49 28.58 -23.03
N VAL B 501 -30.76 27.53 -23.42
CA VAL B 501 -29.29 27.59 -23.70
C VAL B 501 -29.01 28.54 -24.87
N VAL B 502 -29.86 28.52 -25.90
CA VAL B 502 -29.78 29.46 -27.07
C VAL B 502 -29.97 30.88 -26.55
N LEU B 503 -31.00 31.11 -25.73
CA LEU B 503 -31.30 32.43 -25.11
C LEU B 503 -30.11 32.86 -24.24
N VAL B 504 -29.56 31.95 -23.43
CA VAL B 504 -28.44 32.22 -22.49
C VAL B 504 -27.16 32.52 -23.29
N VAL B 505 -26.89 31.75 -24.35
CA VAL B 505 -25.68 31.93 -25.20
C VAL B 505 -25.83 33.20 -26.04
N ALA B 506 -27.07 33.54 -26.44
CA ALA B 506 -27.40 34.76 -27.23
C ALA B 506 -26.97 36.01 -26.46
N PHE B 507 -27.38 36.13 -25.19
CA PHE B 507 -27.10 37.29 -24.31
C PHE B 507 -25.85 37.05 -23.44
N GLU B 508 -25.09 35.98 -23.71
CA GLU B 508 -23.77 35.68 -23.11
C GLU B 508 -23.90 35.56 -21.59
N GLY B 509 -24.82 34.71 -21.12
CA GLY B 509 -25.07 34.47 -19.69
C GLY B 509 -23.89 33.82 -18.99
N SER B 510 -23.02 33.15 -19.74
CA SER B 510 -21.79 32.48 -19.23
C SER B 510 -20.75 33.48 -18.74
N PHE B 511 -20.98 34.80 -18.90
CA PHE B 511 -20.14 35.88 -18.31
C PHE B 511 -20.22 35.79 -16.78
N LEU B 512 -21.37 35.37 -16.24
CA LEU B 512 -21.64 35.23 -14.78
C LEU B 512 -20.68 34.23 -14.15
N VAL B 513 -20.12 33.31 -14.93
CA VAL B 513 -19.09 32.30 -14.51
C VAL B 513 -17.87 33.01 -13.93
N ARG B 514 -17.57 34.25 -14.36
CA ARG B 514 -16.38 35.02 -13.89
C ARG B 514 -16.50 35.31 -12.38
N PHE B 515 -17.73 35.48 -11.87
CA PHE B 515 -18.01 35.77 -10.45
C PHE B 515 -17.77 34.53 -9.58
N ILE B 516 -17.83 33.33 -10.17
CA ILE B 516 -17.48 32.04 -9.49
C ILE B 516 -15.96 31.99 -9.31
N SER B 517 -15.49 32.36 -8.11
CA SER B 517 -14.05 32.44 -7.74
C SER B 517 -13.50 31.05 -7.41
N ARG B 518 -12.20 30.96 -7.09
CA ARG B 518 -11.50 29.76 -6.58
C ARG B 518 -12.24 29.21 -5.34
N TYR B 519 -12.75 30.10 -4.51
CA TYR B 519 -13.49 29.77 -3.26
C TYR B 519 -14.56 28.72 -3.56
N THR B 520 -15.51 29.06 -4.44
CA THR B 520 -16.66 28.21 -4.83
C THR B 520 -16.15 27.03 -5.67
N GLN B 521 -15.23 27.29 -6.60
CA GLN B 521 -14.62 26.27 -7.50
C GLN B 521 -14.07 25.10 -6.69
N GLU B 522 -13.28 25.40 -5.65
CA GLU B 522 -12.54 24.39 -4.85
C GLU B 522 -13.51 23.67 -3.90
N ILE B 523 -14.43 24.40 -3.25
CA ILE B 523 -15.50 23.81 -2.39
C ILE B 523 -16.25 22.76 -3.22
N PHE B 524 -16.62 23.11 -4.45
CA PHE B 524 -17.31 22.20 -5.42
C PHE B 524 -16.38 21.03 -5.76
N SER B 525 -15.21 21.33 -6.32
CA SER B 525 -14.18 20.33 -6.74
C SER B 525 -13.91 19.34 -5.61
N PHE B 526 -13.68 19.83 -4.39
CA PHE B 526 -13.31 19.02 -3.19
C PHE B 526 -14.51 18.13 -2.80
N LEU B 527 -15.69 18.72 -2.67
CA LEU B 527 -16.97 18.01 -2.35
C LEU B 527 -17.16 16.84 -3.33
N ILE B 528 -17.13 17.13 -4.64
CA ILE B 528 -17.35 16.13 -5.72
C ILE B 528 -16.34 14.99 -5.58
N SER B 529 -15.07 15.31 -5.30
CA SER B 529 -13.96 14.33 -5.14
C SER B 529 -14.20 13.46 -3.91
N LEU B 530 -14.61 14.05 -2.78
CA LEU B 530 -14.93 13.32 -1.52
C LEU B 530 -16.08 12.34 -1.77
N ILE B 531 -17.16 12.83 -2.38
CA ILE B 531 -18.38 12.02 -2.69
C ILE B 531 -17.99 10.84 -3.58
N PHE B 532 -17.19 11.10 -4.62
CA PHE B 532 -16.64 10.07 -5.54
C PHE B 532 -15.96 8.96 -4.73
N ILE B 533 -15.10 9.34 -3.80
CA ILE B 533 -14.31 8.40 -2.94
C ILE B 533 -15.29 7.67 -2.00
N TYR B 534 -16.22 8.40 -1.38
CA TYR B 534 -17.24 7.83 -0.45
C TYR B 534 -18.05 6.76 -1.17
N GLU B 535 -18.59 7.10 -2.35
CA GLU B 535 -19.46 6.21 -3.16
C GLU B 535 -18.67 4.99 -3.64
N THR B 536 -17.38 5.16 -3.95
CA THR B 536 -16.45 4.07 -4.35
C THR B 536 -16.32 3.06 -3.19
N PHE B 537 -16.23 3.54 -1.95
CA PHE B 537 -16.16 2.70 -0.71
C PHE B 537 -17.54 2.11 -0.41
N SER B 538 -18.60 2.90 -0.58
CA SER B 538 -20.02 2.47 -0.43
C SER B 538 -20.29 1.27 -1.34
N LYS B 539 -19.71 1.27 -2.55
CA LYS B 539 -19.82 0.17 -3.55
C LYS B 539 -19.11 -1.09 -3.02
N LEU B 540 -17.91 -0.93 -2.44
CA LEU B 540 -17.13 -2.05 -1.84
C LEU B 540 -17.89 -2.62 -0.64
N ILE B 541 -18.33 -1.76 0.28
CA ILE B 541 -19.09 -2.12 1.53
C ILE B 541 -20.32 -2.95 1.13
N LYS B 542 -21.01 -2.57 0.05
CA LYS B 542 -22.22 -3.26 -0.47
C LYS B 542 -21.89 -4.72 -0.77
N ILE B 543 -20.70 -5.02 -1.33
CA ILE B 543 -20.29 -6.40 -1.71
C ILE B 543 -20.22 -7.25 -0.43
N PHE B 544 -19.63 -6.70 0.64
CA PHE B 544 -19.55 -7.35 1.98
C PHE B 544 -20.96 -7.55 2.57
N GLN B 545 -21.92 -6.68 2.25
CA GLN B 545 -23.32 -6.79 2.73
C GLN B 545 -24.05 -7.90 1.95
N ASP B 546 -23.81 -8.02 0.64
CA ASP B 546 -24.45 -9.03 -0.24
C ASP B 546 -23.75 -10.38 -0.12
N HIS B 547 -22.43 -10.39 0.15
CA HIS B 547 -21.58 -11.60 0.26
C HIS B 547 -20.81 -11.57 1.58
N PRO B 548 -21.50 -11.57 2.74
CA PRO B 548 -20.84 -11.53 4.05
C PRO B 548 -19.90 -12.71 4.35
N LEU B 549 -18.93 -12.47 5.23
CA LEU B 549 -17.98 -13.47 5.75
C LEU B 549 -18.72 -14.31 6.80
N GLN B 550 -19.35 -15.40 6.35
CA GLN B 550 -20.11 -16.36 7.19
C GLN B 550 -19.22 -17.57 7.47
N LYS B 551 -19.63 -18.40 8.43
CA LYS B 551 -18.99 -19.72 8.73
C LYS B 551 -19.40 -20.69 7.62
N THR B 552 -20.68 -20.70 7.25
CA THR B 552 -21.30 -21.63 6.27
C THR B 552 -22.03 -20.85 5.17
N TYR B 553 -22.11 -21.43 3.97
CA TYR B 553 -22.82 -20.89 2.79
C TYR B 553 -23.64 -22.01 2.13
N ASN B 554 -24.62 -21.62 1.30
CA ASN B 554 -25.41 -22.55 0.44
C ASN B 554 -24.68 -22.85 -0.88
N TYR B 555 -24.11 -24.04 -1.00
CA TYR B 555 -23.32 -24.41 -2.21
C TYR B 555 -24.20 -24.28 -3.45
N ASN B 556 -25.50 -24.12 -3.26
CA ASN B 556 -26.43 -23.97 -4.41
C ASN B 556 -26.91 -22.52 -4.49
N VAL B 557 -26.36 -21.75 -5.42
CA VAL B 557 -26.79 -20.32 -5.60
C VAL B 557 -26.97 -20.06 -7.10
N LEU B 558 -28.21 -19.84 -7.54
CA LEU B 558 -28.49 -19.57 -8.98
C LEU B 558 -27.69 -18.29 -9.26
N MET B 559 -27.00 -18.25 -10.40
CA MET B 559 -26.09 -17.14 -10.81
C MET B 559 -26.54 -16.53 -12.14
N VAL B 560 -27.69 -16.96 -12.67
CA VAL B 560 -28.16 -16.48 -14.00
C VAL B 560 -28.33 -14.94 -13.94
N PRO B 561 -29.31 -14.38 -13.21
CA PRO B 561 -29.53 -12.93 -13.21
C PRO B 561 -28.56 -12.24 -12.23
N LYS B 562 -28.32 -12.87 -11.08
CA LYS B 562 -27.37 -12.33 -10.07
C LYS B 562 -27.23 -13.37 -8.95
N PRO B 563 -26.11 -13.43 -8.21
CA PRO B 563 -25.99 -14.36 -7.07
C PRO B 563 -27.25 -14.31 -6.21
N GLN B 564 -27.92 -15.44 -6.04
CA GLN B 564 -29.17 -15.50 -5.24
C GLN B 564 -28.83 -15.96 -3.81
N GLY B 565 -27.93 -15.22 -3.15
CA GLY B 565 -27.47 -15.49 -1.77
C GLY B 565 -25.98 -15.26 -1.61
N PRO B 566 -25.46 -15.27 -0.35
CA PRO B 566 -24.04 -14.97 -0.10
C PRO B 566 -23.12 -16.10 -0.58
N LEU B 567 -21.91 -15.75 -1.02
CA LEU B 567 -20.89 -16.68 -1.58
C LEU B 567 -19.57 -16.49 -0.82
N PRO B 568 -18.77 -17.56 -0.64
CA PRO B 568 -17.48 -17.44 0.01
C PRO B 568 -16.44 -16.76 -0.89
N ASN B 569 -15.56 -15.96 -0.29
CA ASN B 569 -14.30 -15.43 -0.90
C ASN B 569 -14.57 -14.21 -1.79
N THR B 570 -15.83 -13.96 -2.17
CA THR B 570 -16.21 -12.89 -3.14
C THR B 570 -15.87 -11.51 -2.58
N ALA B 571 -16.27 -11.24 -1.33
CA ALA B 571 -16.12 -9.94 -0.65
C ALA B 571 -14.64 -9.62 -0.43
N LEU B 572 -13.86 -10.58 0.07
CA LEU B 572 -12.43 -10.37 0.39
C LEU B 572 -11.61 -10.27 -0.91
N LEU B 573 -11.91 -11.09 -1.92
CA LEU B 573 -11.20 -11.02 -3.23
C LEU B 573 -11.50 -9.67 -3.88
N SER B 574 -12.75 -9.22 -3.83
CA SER B 574 -13.19 -7.87 -4.27
C SER B 574 -12.33 -6.79 -3.61
N LEU B 575 -12.15 -6.87 -2.29
CA LEU B 575 -11.27 -5.97 -1.49
C LEU B 575 -9.83 -6.04 -2.01
N VAL B 576 -9.31 -7.26 -2.20
CA VAL B 576 -7.91 -7.52 -2.65
C VAL B 576 -7.71 -6.96 -4.06
N LEU B 577 -8.67 -7.16 -4.97
CA LEU B 577 -8.60 -6.68 -6.38
C LEU B 577 -8.66 -5.14 -6.42
N MET B 578 -9.50 -4.53 -5.59
CA MET B 578 -9.62 -3.05 -5.43
C MET B 578 -8.30 -2.51 -4.87
N ALA B 579 -7.87 -3.03 -3.71
CA ALA B 579 -6.65 -2.60 -2.98
C ALA B 579 -5.42 -2.78 -3.89
N GLY B 580 -5.35 -3.93 -4.57
CA GLY B 580 -4.24 -4.27 -5.50
C GLY B 580 -4.15 -3.31 -6.65
N THR B 581 -5.27 -3.04 -7.33
CA THR B 581 -5.36 -2.15 -8.52
C THR B 581 -4.97 -0.73 -8.11
N PHE B 582 -5.49 -0.24 -6.99
CA PHE B 582 -5.18 1.10 -6.42
C PHE B 582 -3.69 1.20 -6.10
N PHE B 583 -3.14 0.19 -5.41
CA PHE B 583 -1.71 0.11 -5.01
C PHE B 583 -0.82 0.27 -6.25
N PHE B 584 -0.98 -0.63 -7.24
CA PHE B 584 -0.16 -0.70 -8.48
C PHE B 584 -0.22 0.65 -9.21
N ALA B 585 -1.42 1.20 -9.39
CA ALA B 585 -1.68 2.51 -10.03
C ALA B 585 -0.86 3.61 -9.34
N MET B 586 -0.83 3.61 -8.01
CA MET B 586 -0.15 4.64 -7.18
C MET B 586 1.36 4.41 -7.18
N MET B 587 1.83 3.17 -7.35
CA MET B 587 3.28 2.83 -7.42
C MET B 587 3.83 3.19 -8.79
N LEU B 588 3.08 2.93 -9.87
CA LEU B 588 3.47 3.29 -11.26
C LEU B 588 3.35 4.80 -11.47
N ARG B 589 2.55 5.49 -10.64
CA ARG B 589 2.50 6.97 -10.56
C ARG B 589 3.79 7.46 -9.91
N LYS B 590 4.21 6.80 -8.83
CA LYS B 590 5.45 7.13 -8.06
C LYS B 590 6.69 6.80 -8.91
N PHE B 591 6.69 5.66 -9.61
CA PHE B 591 7.78 5.19 -10.50
C PHE B 591 8.01 6.20 -11.63
N LYS B 592 6.94 6.77 -12.17
CA LYS B 592 6.99 7.80 -13.25
C LYS B 592 7.78 9.03 -12.74
N ASN B 593 7.54 9.43 -11.49
CA ASN B 593 8.13 10.63 -10.85
C ASN B 593 9.53 10.31 -10.31
N SER B 594 9.85 9.02 -10.10
CA SER B 594 11.14 8.53 -9.58
C SER B 594 12.26 8.75 -10.60
N SER B 595 13.49 8.32 -10.26
CA SER B 595 14.70 8.43 -11.10
C SER B 595 15.28 7.03 -11.37
N TYR B 596 14.41 6.06 -11.69
CA TYR B 596 14.75 4.65 -11.99
C TYR B 596 14.50 4.37 -13.49
N PHE B 597 15.26 3.44 -14.07
CA PHE B 597 15.13 2.94 -15.46
C PHE B 597 15.48 4.04 -16.45
N PRO B 598 15.75 3.72 -17.75
CA PRO B 598 15.97 4.74 -18.76
C PRO B 598 14.72 5.64 -18.94
N GLY B 599 14.94 6.95 -19.04
CA GLY B 599 13.89 8.00 -19.07
C GLY B 599 12.79 7.72 -20.10
N LYS B 600 13.17 7.26 -21.30
CA LYS B 600 12.24 6.89 -22.40
C LYS B 600 11.25 5.84 -21.89
N LEU B 601 11.77 4.73 -21.35
CA LEU B 601 11.00 3.58 -20.83
C LEU B 601 10.20 4.00 -19.58
N ARG B 602 10.80 4.84 -18.72
CA ARG B 602 10.22 5.30 -17.43
C ARG B 602 8.88 6.01 -17.67
N ARG B 603 8.78 6.83 -18.72
CA ARG B 603 7.54 7.57 -19.10
C ARG B 603 6.54 6.60 -19.74
N VAL B 604 6.98 5.76 -20.68
CA VAL B 604 6.12 4.77 -21.40
C VAL B 604 5.40 3.92 -20.35
N ILE B 605 6.14 3.34 -19.38
CA ILE B 605 5.58 2.51 -18.28
C ILE B 605 4.70 3.40 -17.39
N GLY B 606 5.16 4.61 -17.06
CA GLY B 606 4.46 5.56 -16.17
C GLY B 606 3.16 6.07 -16.76
N ASP B 607 3.17 6.50 -18.03
CA ASP B 607 1.94 7.05 -18.66
C ASP B 607 0.90 5.93 -18.82
N PHE B 608 1.36 4.70 -19.04
CA PHE B 608 0.46 3.52 -19.24
C PHE B 608 0.36 2.90 -17.83
N GLY B 609 0.50 3.71 -16.77
CA GLY B 609 0.47 3.25 -15.38
C GLY B 609 -0.86 2.63 -15.01
N VAL B 610 -1.97 3.31 -15.30
CA VAL B 610 -3.34 2.84 -14.96
C VAL B 610 -3.72 1.64 -15.84
N PRO B 611 -3.60 1.71 -17.19
CA PRO B 611 -3.82 0.53 -18.05
C PRO B 611 -3.06 -0.72 -17.60
N ILE B 612 -1.81 -0.57 -17.15
CA ILE B 612 -0.95 -1.70 -16.69
C ILE B 612 -1.56 -2.23 -15.38
N SER B 613 -1.96 -1.35 -14.46
CA SER B 613 -2.57 -1.73 -13.15
C SER B 613 -3.83 -2.58 -13.41
N ILE B 614 -4.65 -2.16 -14.38
CA ILE B 614 -5.90 -2.88 -14.77
C ILE B 614 -5.58 -4.24 -15.37
N LEU B 615 -4.69 -4.29 -16.38
CA LEU B 615 -4.34 -5.52 -17.14
C LEU B 615 -3.91 -6.64 -16.18
N ILE B 616 -2.96 -6.36 -15.28
CA ILE B 616 -2.35 -7.39 -14.39
C ILE B 616 -3.40 -7.87 -13.38
N MET B 617 -4.18 -6.96 -12.79
CA MET B 617 -5.20 -7.31 -11.76
C MET B 617 -6.43 -7.97 -12.43
N VAL B 618 -6.70 -7.67 -13.70
CA VAL B 618 -7.69 -8.40 -14.54
C VAL B 618 -7.18 -9.82 -14.77
N LEU B 619 -5.89 -9.99 -15.10
CA LEU B 619 -5.25 -11.31 -15.33
C LEU B 619 -5.20 -12.10 -14.03
N VAL B 620 -4.94 -11.44 -12.89
CA VAL B 620 -4.93 -12.04 -11.53
C VAL B 620 -6.29 -12.68 -11.24
N ASP B 621 -7.39 -11.99 -11.60
CA ASP B 621 -8.78 -12.47 -11.43
C ASP B 621 -9.08 -13.61 -12.42
N PHE B 622 -8.56 -13.50 -13.65
CA PHE B 622 -8.80 -14.46 -14.76
C PHE B 622 -8.29 -15.85 -14.38
N PHE B 623 -7.11 -15.93 -13.77
CA PHE B 623 -6.44 -17.21 -13.39
C PHE B 623 -7.13 -17.84 -12.16
N ILE B 624 -7.82 -17.03 -11.35
CA ILE B 624 -8.70 -17.53 -10.24
C ILE B 624 -10.05 -17.94 -10.85
N GLN B 625 -10.24 -19.25 -11.08
CA GLN B 625 -11.39 -19.81 -11.85
C GLN B 625 -12.60 -20.03 -10.93
N ASP B 626 -12.38 -20.56 -9.73
CA ASP B 626 -13.46 -21.09 -8.85
C ASP B 626 -14.25 -19.93 -8.20
N THR B 627 -13.57 -18.93 -7.66
CA THR B 627 -14.18 -17.78 -6.94
C THR B 627 -14.97 -16.90 -7.92
N TYR B 628 -16.13 -16.41 -7.48
CA TYR B 628 -17.00 -15.46 -8.22
C TYR B 628 -16.63 -14.03 -7.84
N THR B 629 -16.51 -13.15 -8.83
CA THR B 629 -16.42 -11.68 -8.70
C THR B 629 -17.37 -11.04 -9.73
N GLN B 630 -18.01 -9.93 -9.38
CA GLN B 630 -18.94 -9.20 -10.29
C GLN B 630 -18.14 -8.55 -11.41
N LYS B 631 -18.53 -8.82 -12.66
CA LYS B 631 -17.88 -8.33 -13.90
C LYS B 631 -18.70 -7.17 -14.48
N LEU B 632 -18.17 -6.49 -15.50
CA LEU B 632 -18.91 -5.47 -16.30
C LEU B 632 -19.89 -6.20 -17.22
N SER B 633 -21.19 -6.02 -17.00
CA SER B 633 -22.29 -6.52 -17.87
C SER B 633 -22.75 -5.36 -18.78
N VAL B 634 -22.97 -5.67 -20.06
CA VAL B 634 -23.53 -4.72 -21.08
C VAL B 634 -24.72 -5.37 -21.77
N PRO B 635 -25.63 -4.60 -22.39
CA PRO B 635 -26.73 -5.18 -23.16
C PRO B 635 -26.26 -6.07 -24.32
N ASP B 636 -27.12 -6.99 -24.76
CA ASP B 636 -26.83 -8.00 -25.82
C ASP B 636 -26.55 -7.29 -27.15
N GLY B 637 -27.38 -6.30 -27.49
CA GLY B 637 -27.25 -5.49 -28.72
C GLY B 637 -27.76 -4.07 -28.52
N PHE B 638 -27.93 -3.33 -29.61
CA PHE B 638 -28.48 -1.95 -29.63
C PHE B 638 -30.00 -2.00 -29.81
N LYS B 639 -30.71 -2.14 -28.69
CA LYS B 639 -32.19 -2.01 -28.62
C LYS B 639 -32.54 -1.24 -27.34
N VAL B 640 -33.72 -0.61 -27.33
CA VAL B 640 -34.27 0.10 -26.14
C VAL B 640 -34.50 -0.93 -25.02
N SER B 641 -34.26 -0.52 -23.78
CA SER B 641 -34.30 -1.38 -22.56
C SER B 641 -35.69 -1.96 -22.33
N ASN B 642 -36.76 -1.24 -22.72
CA ASN B 642 -38.17 -1.71 -22.68
C ASN B 642 -38.81 -1.40 -24.05
N SER B 643 -38.99 -2.43 -24.89
CA SER B 643 -39.56 -2.33 -26.26
C SER B 643 -41.08 -2.13 -26.19
N SER B 644 -41.74 -2.69 -25.16
CA SER B 644 -43.21 -2.61 -24.95
C SER B 644 -43.62 -1.22 -24.45
N ALA B 645 -42.67 -0.42 -23.94
CA ALA B 645 -42.91 0.93 -23.37
C ALA B 645 -42.73 2.03 -24.43
N ARG B 646 -41.75 1.87 -25.33
CA ARG B 646 -41.25 2.94 -26.22
C ARG B 646 -40.48 2.37 -27.42
N GLY B 647 -40.21 3.22 -28.42
CA GLY B 647 -39.31 2.95 -29.55
C GLY B 647 -38.04 3.79 -29.44
N TRP B 648 -37.30 3.93 -30.55
CA TRP B 648 -36.05 4.74 -30.61
C TRP B 648 -36.38 6.23 -30.72
N VAL B 649 -37.57 6.59 -31.22
CA VAL B 649 -38.04 8.00 -31.36
C VAL B 649 -39.28 8.18 -30.47
N ILE B 650 -39.20 9.13 -29.52
CA ILE B 650 -40.28 9.46 -28.55
C ILE B 650 -41.16 10.55 -29.17
N HIS B 651 -42.48 10.34 -29.21
CA HIS B 651 -43.49 11.27 -29.77
CA HIS B 651 -43.47 11.28 -29.78
C HIS B 651 -43.80 12.35 -28.75
N PRO B 652 -43.59 13.66 -29.04
CA PRO B 652 -43.98 14.73 -28.13
C PRO B 652 -45.44 14.63 -27.65
N LEU B 653 -46.39 14.48 -28.59
CA LEU B 653 -47.85 14.53 -28.31
C LEU B 653 -48.29 13.35 -27.44
N GLY B 654 -47.56 12.22 -27.48
CA GLY B 654 -47.75 11.07 -26.57
C GLY B 654 -47.54 9.73 -27.27
N LEU B 655 -47.31 8.67 -26.49
CA LEU B 655 -47.11 7.27 -27.00
C LEU B 655 -48.44 6.51 -26.93
N ARG B 656 -48.95 6.26 -25.72
CA ARG B 656 -50.22 5.52 -25.47
C ARG B 656 -51.35 6.54 -25.29
N SER B 657 -51.23 7.41 -24.27
CA SER B 657 -52.23 8.43 -23.88
C SER B 657 -51.90 9.79 -24.50
N GLU B 658 -52.81 10.75 -24.36
CA GLU B 658 -52.65 12.16 -24.82
C GLU B 658 -51.83 12.92 -23.78
N PHE B 659 -50.67 13.46 -24.17
CA PHE B 659 -49.79 14.26 -23.28
C PHE B 659 -50.42 15.63 -23.06
N PRO B 660 -50.70 16.03 -21.79
CA PRO B 660 -51.50 17.23 -21.53
C PRO B 660 -50.69 18.53 -21.72
N ILE B 661 -51.35 19.57 -22.23
CA ILE B 661 -50.72 20.86 -22.65
C ILE B 661 -50.29 21.62 -21.38
N TRP B 662 -50.90 21.36 -20.22
CA TRP B 662 -50.51 21.99 -18.93
C TRP B 662 -49.03 21.72 -18.62
N MET B 663 -48.58 20.47 -18.78
CA MET B 663 -47.18 20.04 -18.50
C MET B 663 -46.24 20.44 -19.64
N MET B 664 -46.72 20.49 -20.90
CA MET B 664 -45.92 20.92 -22.09
C MET B 664 -45.33 22.30 -21.79
N PHE B 665 -46.09 23.18 -21.11
CA PHE B 665 -45.66 24.54 -20.70
C PHE B 665 -44.97 24.50 -19.34
N ALA B 666 -45.49 23.70 -18.40
CA ALA B 666 -44.98 23.59 -17.00
C ALA B 666 -43.61 22.91 -16.97
N SER B 667 -43.24 22.16 -18.02
CA SER B 667 -41.93 21.47 -18.18
C SER B 667 -40.76 22.46 -18.17
N ALA B 668 -41.03 23.76 -18.36
CA ALA B 668 -40.05 24.88 -18.21
C ALA B 668 -39.37 24.83 -16.84
N LEU B 669 -40.14 24.63 -15.77
CA LEU B 669 -39.65 24.70 -14.36
C LEU B 669 -38.70 23.53 -14.08
N PRO B 670 -39.06 22.26 -14.42
CA PRO B 670 -38.08 21.17 -14.44
C PRO B 670 -36.85 21.44 -15.33
N ALA B 671 -37.06 22.02 -16.52
CA ALA B 671 -36.00 22.33 -17.51
C ALA B 671 -35.07 23.42 -16.97
N LEU B 672 -35.61 24.39 -16.21
CA LEU B 672 -34.84 25.49 -15.58
C LEU B 672 -33.95 24.93 -14.47
N LEU B 673 -34.40 23.89 -13.77
CA LEU B 673 -33.62 23.15 -12.73
C LEU B 673 -32.52 22.35 -13.42
N VAL B 674 -32.85 21.63 -14.50
CA VAL B 674 -31.89 20.78 -15.27
C VAL B 674 -30.82 21.68 -15.91
N PHE B 675 -31.20 22.88 -16.35
CA PHE B 675 -30.27 23.88 -16.95
C PHE B 675 -29.24 24.30 -15.90
N ILE B 676 -29.72 24.76 -14.74
CA ILE B 676 -28.89 25.16 -13.56
C ILE B 676 -27.98 23.97 -13.16
N LEU B 677 -28.52 22.74 -13.21
CA LEU B 677 -27.78 21.51 -12.85
C LEU B 677 -26.62 21.27 -13.82
N ILE B 678 -26.89 21.31 -15.13
CA ILE B 678 -25.85 21.08 -16.19
C ILE B 678 -24.87 22.26 -16.21
N PHE B 679 -25.38 23.50 -16.14
CA PHE B 679 -24.58 24.75 -16.27
C PHE B 679 -23.47 24.78 -15.22
N LEU B 680 -23.82 24.80 -13.94
CA LEU B 680 -22.84 24.88 -12.81
C LEU B 680 -21.90 23.68 -12.86
N GLU B 681 -22.45 22.47 -13.00
CA GLU B 681 -21.65 21.21 -13.11
C GLU B 681 -20.59 21.43 -14.18
N SER B 682 -21.00 21.86 -15.38
CA SER B 682 -20.17 21.93 -16.61
C SER B 682 -19.26 23.17 -16.61
N GLN B 683 -19.80 24.34 -16.28
CA GLN B 683 -19.05 25.63 -16.33
C GLN B 683 -18.01 25.69 -15.22
N ILE B 684 -18.30 25.13 -14.04
CA ILE B 684 -17.31 25.06 -12.91
C ILE B 684 -16.26 24.00 -13.25
N THR B 685 -16.62 22.94 -13.99
CA THR B 685 -15.66 21.90 -14.46
C THR B 685 -14.75 22.51 -15.51
N THR B 686 -15.29 23.38 -16.38
CA THR B 686 -14.52 24.12 -17.41
C THR B 686 -13.57 25.11 -16.73
N LEU B 687 -14.00 25.76 -15.64
CA LEU B 687 -13.15 26.67 -14.82
C LEU B 687 -11.98 25.88 -14.21
N ILE B 688 -12.27 24.74 -13.59
CA ILE B 688 -11.27 23.88 -12.89
C ILE B 688 -10.24 23.38 -13.90
N VAL B 689 -10.68 22.89 -15.06
CA VAL B 689 -9.82 22.26 -16.10
C VAL B 689 -8.99 23.35 -16.79
N SER B 690 -9.65 24.44 -17.23
CA SER B 690 -9.02 25.57 -17.96
C SER B 690 -8.71 26.69 -16.97
N LYS B 691 -7.80 26.44 -16.03
CA LYS B 691 -7.31 27.42 -15.02
C LYS B 691 -5.87 27.80 -15.37
N PRO B 692 -5.39 28.99 -14.96
CA PRO B 692 -4.08 29.47 -15.40
C PRO B 692 -2.90 28.69 -14.80
N GLU B 693 -3.10 28.05 -13.64
CA GLU B 693 -2.08 27.21 -12.94
C GLU B 693 -1.63 26.06 -13.86
N ARG B 694 -2.58 25.42 -14.52
CA ARG B 694 -2.33 24.39 -15.58
C ARG B 694 -1.92 25.12 -16.87
N LYS B 695 -1.32 24.38 -17.81
CA LYS B 695 -0.73 24.94 -19.05
C LYS B 695 -1.68 24.69 -20.23
N MET B 696 -2.88 25.27 -20.17
CA MET B 696 -3.91 25.21 -21.24
C MET B 696 -3.77 26.46 -22.12
N VAL B 697 -3.02 26.35 -23.21
CA VAL B 697 -2.65 27.48 -24.11
C VAL B 697 -3.63 27.57 -25.29
N LYS B 698 -4.23 26.45 -25.72
CA LYS B 698 -5.18 26.37 -26.85
C LYS B 698 -6.38 27.30 -26.61
N GLY B 699 -6.82 27.42 -25.36
CA GLY B 699 -7.91 28.31 -24.93
C GLY B 699 -9.22 27.54 -24.77
N SER B 700 -10.04 27.96 -23.80
CA SER B 700 -11.37 27.38 -23.48
C SER B 700 -12.47 28.31 -24.00
N GLY B 701 -13.63 27.73 -24.32
CA GLY B 701 -14.85 28.46 -24.72
C GLY B 701 -16.04 28.05 -23.88
N PHE B 702 -16.45 28.91 -22.96
CA PHE B 702 -17.55 28.65 -21.98
C PHE B 702 -18.93 28.72 -22.65
N HIS B 703 -19.04 29.37 -23.82
CA HIS B 703 -20.32 29.60 -24.55
C HIS B 703 -20.61 28.43 -25.49
N LEU B 704 -19.63 28.00 -26.29
CA LEU B 704 -19.76 26.90 -27.28
C LEU B 704 -19.94 25.55 -26.57
N ASP B 705 -19.21 25.34 -25.46
CA ASP B 705 -19.30 24.09 -24.65
C ASP B 705 -20.68 23.99 -23.98
N LEU B 706 -21.21 25.10 -23.48
CA LEU B 706 -22.57 25.16 -22.87
C LEU B 706 -23.62 24.86 -23.94
N LEU B 707 -23.48 25.47 -25.12
CA LEU B 707 -24.43 25.35 -26.25
C LEU B 707 -24.57 23.89 -26.67
N LEU B 708 -23.45 23.18 -26.86
CA LEU B 708 -23.43 21.77 -27.34
C LEU B 708 -23.95 20.84 -26.24
N VAL B 709 -23.36 20.90 -25.04
CA VAL B 709 -23.67 19.97 -23.90
C VAL B 709 -25.17 20.03 -23.59
N VAL B 710 -25.73 21.24 -23.38
CA VAL B 710 -27.17 21.45 -23.06
C VAL B 710 -28.01 21.24 -24.32
N GLY B 711 -27.56 21.73 -25.46
CA GLY B 711 -28.25 21.60 -26.76
C GLY B 711 -28.46 20.15 -27.15
N MET B 712 -27.37 19.36 -27.17
CA MET B 712 -27.39 17.91 -27.52
C MET B 712 -28.33 17.15 -26.59
N GLY B 713 -28.25 17.47 -25.28
CA GLY B 713 -29.13 16.91 -24.23
C GLY B 713 -30.60 17.06 -24.58
N GLY B 714 -30.98 18.22 -25.11
CA GLY B 714 -32.36 18.50 -25.56
C GLY B 714 -32.77 17.59 -26.71
N VAL B 715 -31.89 17.46 -27.70
CA VAL B 715 -32.10 16.58 -28.90
C VAL B 715 -32.03 15.11 -28.46
N ALA B 716 -31.19 14.78 -27.47
CA ALA B 716 -31.04 13.42 -26.91
C ALA B 716 -32.35 12.96 -26.28
N ALA B 717 -33.09 13.87 -25.63
CA ALA B 717 -34.40 13.62 -25.00
C ALA B 717 -35.42 13.18 -26.06
N LEU B 718 -35.33 13.73 -27.28
CA LEU B 718 -36.26 13.42 -28.40
C LEU B 718 -36.13 11.95 -28.82
N PHE B 719 -34.98 11.31 -28.57
CA PHE B 719 -34.72 9.88 -28.88
C PHE B 719 -34.84 9.02 -27.61
N GLY B 720 -35.35 9.57 -26.52
CA GLY B 720 -35.53 8.85 -25.24
C GLY B 720 -34.23 8.59 -24.51
N MET B 721 -33.17 9.34 -24.84
CA MET B 721 -31.80 9.13 -24.31
C MET B 721 -31.48 10.22 -23.28
N PRO B 722 -30.67 9.92 -22.25
CA PRO B 722 -30.43 10.86 -21.16
C PRO B 722 -29.54 12.04 -21.58
N TRP B 723 -29.91 13.27 -21.20
CA TRP B 723 -29.04 14.47 -21.30
C TRP B 723 -27.88 14.31 -20.32
N LEU B 724 -26.74 14.91 -20.64
CA LEU B 724 -25.44 14.69 -19.96
C LEU B 724 -24.92 16.04 -19.46
N SER B 725 -23.71 16.04 -18.89
CA SER B 725 -23.01 17.24 -18.39
C SER B 725 -21.50 16.97 -18.35
N ALA B 726 -20.71 18.06 -18.46
CA ALA B 726 -19.24 17.96 -18.30
C ALA B 726 -19.00 17.59 -16.84
N THR B 727 -18.72 16.32 -16.59
CA THR B 727 -18.56 15.78 -15.21
C THR B 727 -17.17 16.13 -14.68
N THR B 728 -17.08 16.51 -13.40
CA THR B 728 -15.89 17.17 -12.78
C THR B 728 -14.71 16.20 -12.68
N VAL B 729 -14.93 15.00 -12.14
CA VAL B 729 -13.84 14.02 -11.83
C VAL B 729 -13.29 13.47 -13.16
N ARG B 730 -14.16 12.96 -14.04
CA ARG B 730 -13.77 12.35 -15.34
C ARG B 730 -13.01 13.37 -16.20
N SER B 731 -13.46 14.63 -16.21
CA SER B 731 -12.86 15.74 -16.98
C SER B 731 -11.47 16.06 -16.44
N VAL B 732 -11.37 16.26 -15.12
CA VAL B 732 -10.10 16.52 -14.39
C VAL B 732 -9.16 15.33 -14.61
N THR B 733 -9.66 14.11 -14.43
CA THR B 733 -8.90 12.84 -14.61
C THR B 733 -8.32 12.78 -16.03
N HIS B 734 -9.14 13.11 -17.03
CA HIS B 734 -8.78 13.12 -18.47
C HIS B 734 -7.74 14.21 -18.74
N ALA B 735 -7.93 15.41 -18.18
CA ALA B 735 -6.99 16.55 -18.28
C ALA B 735 -5.66 16.16 -17.62
N ASN B 736 -5.71 15.61 -16.41
CA ASN B 736 -4.54 15.18 -15.61
C ASN B 736 -3.79 14.04 -16.33
N ALA B 737 -4.50 13.22 -17.11
CA ALA B 737 -3.92 12.10 -17.88
C ALA B 737 -3.09 12.61 -19.07
N LEU B 738 -3.40 13.81 -19.57
CA LEU B 738 -2.77 14.40 -20.78
C LEU B 738 -1.77 15.50 -20.41
N THR B 739 -1.53 15.76 -19.11
CA THR B 739 -0.50 16.70 -18.60
C THR B 739 0.86 15.98 -18.56
N VAL B 740 1.85 16.50 -19.28
CA VAL B 740 3.28 16.07 -19.16
C VAL B 740 3.86 16.93 -18.03
N MET B 741 4.68 16.31 -17.17
CA MET B 741 5.23 16.89 -15.92
C MET B 741 6.75 17.00 -16.11
N GLY B 742 7.35 18.10 -15.64
CA GLY B 742 8.81 18.34 -15.70
C GLY B 742 9.53 17.92 -14.43
N LYS B 743 10.79 18.35 -14.28
CA LYS B 743 11.65 18.11 -13.08
C LYS B 743 11.86 16.60 -12.90
N ALA B 751 8.89 20.15 -8.72
CA ALA B 751 7.86 19.55 -9.61
C ALA B 751 6.96 20.66 -10.17
N GLN B 752 6.82 20.71 -11.50
CA GLN B 752 5.99 21.71 -12.24
C GLN B 752 5.47 21.09 -13.55
N ILE B 753 4.43 21.69 -14.12
CA ILE B 753 3.74 21.23 -15.36
C ILE B 753 4.36 21.97 -16.56
N GLN B 754 4.95 21.22 -17.51
CA GLN B 754 5.62 21.78 -18.71
C GLN B 754 4.54 22.25 -19.70
N GLU B 755 3.67 21.33 -20.13
CA GLU B 755 2.53 21.62 -21.04
C GLU B 755 1.45 20.54 -20.86
N VAL B 756 0.33 20.70 -21.57
CA VAL B 756 -0.83 19.76 -21.57
C VAL B 756 -1.08 19.33 -23.02
N LYS B 757 -1.27 18.04 -23.25
CA LYS B 757 -1.53 17.47 -24.60
C LYS B 757 -3.00 17.75 -24.96
N GLU B 758 -3.30 19.00 -25.32
CA GLU B 758 -4.65 19.46 -25.71
C GLU B 758 -4.95 19.01 -27.15
N GLN B 759 -5.87 18.06 -27.30
CA GLN B 759 -6.28 17.47 -28.61
C GLN B 759 -7.69 16.88 -28.47
N ARG B 760 -8.28 16.52 -29.60
CA ARG B 760 -9.70 16.09 -29.70
C ARG B 760 -9.80 14.55 -29.74
N ILE B 761 -8.71 13.84 -30.03
CA ILE B 761 -8.73 12.40 -30.38
C ILE B 761 -8.99 11.56 -29.13
N SER B 762 -8.38 11.88 -27.99
CA SER B 762 -8.63 11.22 -26.69
C SER B 762 -10.15 11.09 -26.46
N GLY B 763 -10.84 12.23 -26.39
CA GLY B 763 -12.30 12.32 -26.16
C GLY B 763 -13.09 11.62 -27.25
N LEU B 764 -12.67 11.78 -28.50
CA LEU B 764 -13.33 11.15 -29.68
C LEU B 764 -13.29 9.63 -29.51
N LEU B 765 -12.10 9.05 -29.34
CA LEU B 765 -11.88 7.58 -29.25
C LEU B 765 -12.58 7.01 -28.01
N VAL B 766 -12.51 7.69 -26.87
CA VAL B 766 -13.20 7.29 -25.61
C VAL B 766 -14.71 7.16 -25.91
N ALA B 767 -15.32 8.20 -26.50
CA ALA B 767 -16.75 8.26 -26.87
C ALA B 767 -17.12 7.13 -27.83
N VAL B 768 -16.26 6.85 -28.81
CA VAL B 768 -16.43 5.74 -29.79
C VAL B 768 -16.39 4.40 -29.06
N LEU B 769 -15.38 4.16 -28.20
CA LEU B 769 -15.21 2.90 -27.44
C LEU B 769 -16.46 2.64 -26.57
N VAL B 770 -17.01 3.67 -25.94
CA VAL B 770 -18.28 3.58 -25.15
C VAL B 770 -19.42 3.18 -26.09
N GLY B 771 -19.43 3.70 -27.31
CA GLY B 771 -20.37 3.29 -28.36
C GLY B 771 -20.20 1.82 -28.73
N LEU B 772 -18.96 1.37 -28.87
CA LEU B 772 -18.60 0.00 -29.33
C LEU B 772 -18.50 -0.98 -28.16
N SER B 773 -18.81 -0.56 -26.93
CA SER B 773 -18.76 -1.40 -25.70
C SER B 773 -19.70 -2.61 -25.81
N ILE B 774 -20.83 -2.47 -26.51
CA ILE B 774 -21.82 -3.57 -26.74
C ILE B 774 -21.16 -4.66 -27.59
N LEU B 775 -20.41 -4.28 -28.63
CA LEU B 775 -19.74 -5.23 -29.56
C LEU B 775 -18.65 -6.01 -28.80
N MET B 776 -17.93 -5.34 -27.90
CA MET B 776 -16.76 -5.91 -27.17
C MET B 776 -17.20 -6.38 -25.78
N GLU B 777 -18.33 -7.09 -25.70
CA GLU B 777 -18.83 -7.75 -24.47
C GLU B 777 -17.86 -8.84 -24.01
N PRO B 778 -17.34 -9.72 -24.91
CA PRO B 778 -16.38 -10.76 -24.51
C PRO B 778 -15.14 -10.23 -23.78
N ILE B 779 -14.69 -9.03 -24.14
CA ILE B 779 -13.53 -8.32 -23.52
C ILE B 779 -13.94 -7.82 -22.13
N LEU B 780 -15.10 -7.16 -22.02
CA LEU B 780 -15.56 -6.48 -20.79
C LEU B 780 -16.08 -7.48 -19.75
N SER B 781 -16.65 -8.60 -20.21
CA SER B 781 -17.24 -9.69 -19.37
C SER B 781 -16.18 -10.32 -18.45
N ARG B 782 -14.89 -10.12 -18.72
CA ARG B 782 -13.77 -10.67 -17.92
C ARG B 782 -13.00 -9.54 -17.24
N ILE B 783 -13.66 -8.39 -17.00
CA ILE B 783 -13.11 -7.23 -16.23
C ILE B 783 -13.95 -7.09 -14.97
N PRO B 784 -13.40 -7.40 -13.77
CA PRO B 784 -14.13 -7.21 -12.51
C PRO B 784 -14.42 -5.73 -12.20
N LEU B 785 -15.54 -5.45 -11.53
CA LEU B 785 -15.88 -4.09 -11.02
C LEU B 785 -14.91 -3.71 -9.90
N ALA B 786 -14.57 -4.68 -9.04
CA ALA B 786 -13.60 -4.55 -7.93
C ALA B 786 -12.31 -3.91 -8.43
N VAL B 787 -11.82 -4.32 -9.60
CA VAL B 787 -10.59 -3.76 -10.25
C VAL B 787 -10.83 -2.27 -10.49
N LEU B 788 -11.91 -1.94 -11.20
CA LEU B 788 -12.30 -0.56 -11.55
C LEU B 788 -12.54 0.29 -10.28
N PHE B 789 -13.01 -0.30 -9.17
CA PHE B 789 -13.18 0.41 -7.87
C PHE B 789 -11.83 0.92 -7.36
N GLY B 790 -10.75 0.18 -7.64
CA GLY B 790 -9.36 0.59 -7.33
C GLY B 790 -8.93 1.79 -8.18
N ILE B 791 -9.40 1.86 -9.42
CA ILE B 791 -9.10 2.96 -10.38
C ILE B 791 -9.90 4.21 -9.98
N PHE B 792 -11.15 4.05 -9.54
CA PHE B 792 -12.01 5.16 -9.08
C PHE B 792 -11.41 5.78 -7.81
N LEU B 793 -10.84 4.97 -6.93
CA LEU B 793 -10.17 5.47 -5.71
C LEU B 793 -8.95 6.31 -6.12
N TYR B 794 -8.17 5.80 -7.06
CA TYR B 794 -6.99 6.47 -7.66
C TYR B 794 -7.42 7.80 -8.30
N MET B 795 -8.50 7.78 -9.09
CA MET B 795 -9.11 8.99 -9.72
C MET B 795 -9.45 10.02 -8.64
N GLY B 796 -10.17 9.60 -7.60
CA GLY B 796 -10.65 10.47 -6.50
C GLY B 796 -9.50 11.14 -5.77
N VAL B 797 -8.48 10.37 -5.39
CA VAL B 797 -7.27 10.87 -4.67
C VAL B 797 -6.54 11.87 -5.56
N THR B 798 -6.26 11.46 -6.81
CA THR B 798 -5.47 12.23 -7.82
C THR B 798 -6.16 13.57 -8.14
N SER B 799 -7.50 13.63 -8.05
CA SER B 799 -8.31 14.83 -8.38
C SER B 799 -8.10 15.95 -7.35
N LEU B 800 -7.63 15.62 -6.14
CA LEU B 800 -7.41 16.59 -5.03
C LEU B 800 -6.09 17.37 -5.22
N SER B 801 -5.24 16.97 -6.18
CA SER B 801 -3.85 17.44 -6.36
C SER B 801 -3.79 18.98 -6.41
N GLY B 802 -4.50 19.60 -7.35
CA GLY B 802 -4.42 21.04 -7.64
C GLY B 802 -5.53 21.83 -6.98
N ILE B 803 -5.79 21.60 -5.69
CA ILE B 803 -6.88 22.22 -4.89
C ILE B 803 -6.26 22.84 -3.63
N GLN B 804 -6.23 24.18 -3.56
CA GLN B 804 -5.66 24.95 -2.43
C GLN B 804 -6.45 24.71 -1.14
N LEU B 805 -7.73 24.35 -1.24
CA LEU B 805 -8.57 23.98 -0.06
C LEU B 805 -7.96 22.76 0.63
N PHE B 806 -7.77 21.67 -0.11
CA PHE B 806 -7.14 20.41 0.36
C PHE B 806 -5.73 20.68 0.89
N ASP B 807 -4.99 21.56 0.23
CA ASP B 807 -3.62 21.98 0.64
C ASP B 807 -3.69 22.65 2.02
N ARG B 808 -4.64 23.58 2.19
CA ARG B 808 -4.86 24.35 3.45
C ARG B 808 -5.44 23.45 4.54
N ILE B 809 -6.09 22.34 4.19
CA ILE B 809 -6.64 21.36 5.17
C ILE B 809 -5.49 20.55 5.78
N LEU B 810 -4.48 20.22 4.99
CA LEU B 810 -3.27 19.50 5.47
C LEU B 810 -2.43 20.42 6.35
N LEU B 811 -2.52 21.74 6.18
CA LEU B 811 -1.78 22.74 7.00
C LEU B 811 -2.38 22.83 8.41
N LEU B 812 -3.66 22.44 8.60
CA LEU B 812 -4.30 22.37 9.95
C LEU B 812 -3.55 21.36 10.83
N PHE B 813 -2.97 20.31 10.22
CA PHE B 813 -2.29 19.18 10.92
C PHE B 813 -0.78 19.42 11.00
N LYS B 814 -0.19 20.10 10.02
CA LYS B 814 1.26 20.46 10.03
C LYS B 814 1.48 21.59 11.04
N PRO B 815 2.57 21.56 11.83
CA PRO B 815 2.94 22.70 12.67
C PRO B 815 3.23 23.96 11.86
N PRO B 816 3.14 25.17 12.46
CA PRO B 816 3.22 26.42 11.70
C PRO B 816 4.63 26.85 11.26
N LYS B 817 5.64 25.99 11.42
CA LYS B 817 7.04 26.22 10.96
C LYS B 817 7.42 25.23 9.85
N TYR B 818 6.45 24.46 9.31
CA TYR B 818 6.64 23.51 8.19
C TYR B 818 5.67 23.82 7.04
N HIS B 819 4.99 24.98 7.07
CA HIS B 819 4.05 25.42 6.01
C HIS B 819 4.85 25.92 4.80
N PRO B 820 4.43 25.59 3.54
CA PRO B 820 5.18 26.02 2.35
C PRO B 820 5.31 27.54 2.19
N ASP B 821 6.33 27.98 1.43
CA ASP B 821 6.54 29.39 1.05
C ASP B 821 5.57 29.73 -0.08
N VAL B 822 4.36 30.17 0.28
CA VAL B 822 3.25 30.52 -0.66
C VAL B 822 2.66 31.87 -0.24
N PRO B 823 1.98 32.61 -1.15
CA PRO B 823 1.43 33.93 -0.82
C PRO B 823 0.51 33.98 0.41
N TYR B 824 -0.28 32.92 0.66
CA TYR B 824 -1.34 32.88 1.71
C TYR B 824 -0.78 32.36 3.04
N VAL B 825 0.55 32.23 3.17
CA VAL B 825 1.24 31.78 4.41
C VAL B 825 2.16 32.89 4.94
N LYS B 826 2.95 33.52 4.05
CA LYS B 826 3.97 34.55 4.41
C LYS B 826 3.30 35.83 4.93
N ARG B 827 2.26 36.33 4.25
CA ARG B 827 1.60 37.63 4.58
C ARG B 827 0.15 37.38 5.02
N VAL B 828 -0.12 36.27 5.69
CA VAL B 828 -1.42 35.94 6.36
C VAL B 828 -1.12 35.21 7.67
N LYS B 829 -1.81 35.59 8.76
CA LYS B 829 -1.65 34.99 10.11
C LYS B 829 -2.23 33.57 10.10
N THR B 830 -1.53 32.61 10.69
CA THR B 830 -1.82 31.16 10.59
C THR B 830 -3.21 30.82 11.14
N TRP B 831 -3.65 31.52 12.20
CA TRP B 831 -4.97 31.29 12.84
C TRP B 831 -6.10 31.83 11.94
N ARG B 832 -5.80 32.84 11.13
CA ARG B 832 -6.79 33.47 10.19
C ARG B 832 -6.87 32.62 8.92
N MET B 833 -5.75 32.06 8.46
CA MET B 833 -5.71 31.06 7.37
C MET B 833 -6.66 29.91 7.75
N HIS B 834 -6.48 29.33 8.94
CA HIS B 834 -7.21 28.15 9.46
C HIS B 834 -8.70 28.49 9.63
N LEU B 835 -9.02 29.70 10.07
CA LEU B 835 -10.43 30.19 10.17
C LEU B 835 -11.07 30.18 8.78
N PHE B 836 -10.38 30.73 7.77
CA PHE B 836 -10.81 30.77 6.34
C PHE B 836 -11.00 29.35 5.81
N THR B 837 -10.08 28.43 6.15
CA THR B 837 -10.20 26.98 5.84
C THR B 837 -11.39 26.39 6.58
N GLY B 838 -11.53 26.70 7.87
CA GLY B 838 -12.64 26.23 8.72
C GLY B 838 -13.99 26.59 8.13
N ILE B 839 -14.13 27.81 7.61
CA ILE B 839 -15.42 28.33 7.04
C ILE B 839 -15.77 27.53 5.79
N GLN B 840 -14.76 27.13 5.00
CA GLN B 840 -14.93 26.34 3.76
C GLN B 840 -15.30 24.89 4.08
N ILE B 841 -14.81 24.35 5.20
CA ILE B 841 -15.22 23.01 5.73
C ILE B 841 -16.70 23.07 6.12
N ILE B 842 -17.14 24.12 6.83
CA ILE B 842 -18.55 24.31 7.26
C ILE B 842 -19.44 24.33 6.02
N CYS B 843 -18.97 24.92 4.91
CA CYS B 843 -19.68 24.94 3.60
C CYS B 843 -19.72 23.53 3.01
N LEU B 844 -18.60 22.81 3.06
CA LEU B 844 -18.51 21.39 2.61
C LEU B 844 -19.49 20.53 3.44
N ALA B 845 -19.52 20.74 4.75
CA ALA B 845 -20.37 20.01 5.71
C ALA B 845 -21.85 20.26 5.39
N VAL B 846 -22.24 21.53 5.25
CA VAL B 846 -23.63 21.95 4.90
C VAL B 846 -24.03 21.33 3.56
N LEU B 847 -23.14 21.40 2.55
CA LEU B 847 -23.36 20.85 1.19
C LEU B 847 -23.49 19.32 1.24
N TRP B 848 -22.75 18.65 2.12
CA TRP B 848 -22.79 17.17 2.28
C TRP B 848 -24.16 16.74 2.83
N VAL B 849 -24.71 17.50 3.79
CA VAL B 849 -26.04 17.23 4.43
C VAL B 849 -27.13 17.39 3.36
N VAL B 850 -27.00 18.38 2.48
CA VAL B 850 -28.03 18.65 1.44
C VAL B 850 -28.07 17.48 0.46
N LYS B 851 -26.93 17.08 -0.09
CA LYS B 851 -26.88 15.98 -1.10
C LYS B 851 -27.53 14.73 -0.50
N SER B 852 -27.33 14.50 0.80
CA SER B 852 -27.90 13.31 1.47
C SER B 852 -29.42 13.46 1.60
N THR B 853 -29.89 14.56 2.18
CA THR B 853 -31.35 14.77 2.41
C THR B 853 -32.17 14.78 1.11
N PRO B 854 -33.52 14.71 1.19
CA PRO B 854 -34.39 14.85 0.01
C PRO B 854 -34.28 16.16 -0.79
N ALA B 855 -33.61 17.20 -0.25
CA ALA B 855 -33.34 18.49 -0.94
C ALA B 855 -32.02 18.42 -1.72
N SER B 856 -31.74 17.28 -2.36
CA SER B 856 -30.45 16.99 -3.06
C SER B 856 -30.33 17.80 -4.35
N LEU B 857 -31.45 18.09 -5.01
CA LEU B 857 -31.52 18.93 -6.25
C LEU B 857 -31.43 20.42 -5.89
N ALA B 858 -31.45 20.77 -4.59
CA ALA B 858 -31.25 22.15 -4.09
C ALA B 858 -29.77 22.43 -3.79
N LEU B 859 -28.87 21.44 -3.97
CA LEU B 859 -27.42 21.57 -3.70
C LEU B 859 -26.75 22.57 -4.65
N PRO B 860 -27.10 22.62 -5.96
CA PRO B 860 -26.52 23.62 -6.87
C PRO B 860 -26.78 25.06 -6.38
N PHE B 861 -27.93 25.31 -5.77
CA PHE B 861 -28.35 26.63 -5.24
C PHE B 861 -27.57 26.94 -3.96
N VAL B 862 -27.31 25.93 -3.13
CA VAL B 862 -26.49 26.05 -1.88
C VAL B 862 -25.05 26.40 -2.28
N LEU B 863 -24.53 25.79 -3.35
CA LEU B 863 -23.16 26.07 -3.88
C LEU B 863 -23.05 27.50 -4.41
N ILE B 864 -24.07 27.99 -5.13
CA ILE B 864 -24.17 29.40 -5.62
C ILE B 864 -24.13 30.38 -4.43
N LEU B 865 -24.68 29.99 -3.27
CA LEU B 865 -24.76 30.84 -2.05
C LEU B 865 -23.35 31.06 -1.48
N THR B 866 -22.36 30.22 -1.85
CA THR B 866 -20.94 30.42 -1.46
C THR B 866 -20.32 31.61 -2.21
N VAL B 867 -20.95 32.09 -3.29
CA VAL B 867 -20.50 33.32 -4.02
C VAL B 867 -20.82 34.54 -3.16
N PRO B 868 -22.09 34.81 -2.74
CA PRO B 868 -22.37 35.83 -1.74
C PRO B 868 -21.45 35.78 -0.51
N LEU B 869 -21.23 34.60 0.07
CA LEU B 869 -20.38 34.36 1.26
C LEU B 869 -19.01 35.00 1.04
N ARG B 870 -18.37 34.71 -0.09
CA ARG B 870 -17.04 35.27 -0.47
C ARG B 870 -17.16 36.76 -0.76
N ARG B 871 -18.21 37.19 -1.46
CA ARG B 871 -18.35 38.56 -2.04
C ARG B 871 -18.91 39.55 -1.01
N VAL B 872 -19.60 39.08 0.04
CA VAL B 872 -20.35 39.92 1.02
C VAL B 872 -19.83 39.67 2.44
N LEU B 873 -19.90 38.42 2.94
CA LEU B 873 -19.71 38.08 4.37
C LEU B 873 -18.22 38.03 4.74
N LEU B 874 -17.39 37.34 3.94
CA LEU B 874 -15.95 37.09 4.25
C LEU B 874 -15.18 38.42 4.37
N PRO B 875 -15.42 39.43 3.51
CA PRO B 875 -14.81 40.75 3.69
C PRO B 875 -15.27 41.57 4.92
N LEU B 876 -16.18 41.05 5.74
CA LEU B 876 -16.56 41.66 7.05
C LEU B 876 -15.64 41.12 8.16
N ILE B 877 -15.31 39.84 8.13
CA ILE B 877 -14.44 39.18 9.16
C ILE B 877 -12.97 39.25 8.74
N PHE B 878 -12.69 39.16 7.43
CA PHE B 878 -11.32 39.25 6.85
C PHE B 878 -11.07 40.64 6.28
N ARG B 879 -9.81 40.95 5.99
CA ARG B 879 -9.36 42.19 5.30
C ARG B 879 -9.24 41.89 3.80
N ASN B 880 -9.07 42.93 2.99
CA ASN B 880 -8.96 42.83 1.51
C ASN B 880 -7.70 42.02 1.15
N VAL B 881 -6.55 42.38 1.74
CA VAL B 881 -5.21 41.82 1.42
C VAL B 881 -5.20 40.31 1.66
N GLU B 882 -5.83 39.85 2.73
CA GLU B 882 -5.89 38.42 3.15
C GLU B 882 -6.69 37.61 2.12
N LEU B 883 -7.85 38.13 1.70
CA LEU B 883 -8.77 37.47 0.74
C LEU B 883 -8.11 37.39 -0.64
N GLN B 884 -7.39 38.44 -1.06
CA GLN B 884 -6.68 38.49 -2.37
C GLN B 884 -5.61 37.39 -2.42
N CYS B 885 -4.98 37.08 -1.28
CA CYS B 885 -3.88 36.07 -1.16
C CYS B 885 -4.46 34.66 -1.01
N LEU B 886 -5.52 34.51 -0.22
CA LEU B 886 -6.20 33.21 0.03
C LEU B 886 -6.99 32.79 -1.21
N ASP B 887 -7.83 33.70 -1.73
CA ASP B 887 -8.69 33.49 -2.93
C ASP B 887 -8.06 34.27 -4.09
N ALA B 888 -7.02 33.70 -4.72
CA ALA B 888 -6.28 34.26 -5.87
C ALA B 888 -6.71 33.54 -7.15
N ASP B 889 -6.96 34.29 -8.23
CA ASP B 889 -7.37 33.74 -9.55
C ASP B 889 -6.18 33.00 -10.19
N ASP B 890 -4.97 33.55 -10.06
CA ASP B 890 -3.70 32.98 -10.58
C ASP B 890 -2.63 33.03 -9.47
N ALA B 891 -1.98 31.89 -9.21
CA ALA B 891 -0.93 31.73 -8.18
C ALA B 891 0.20 30.85 -8.73
C1 NAG C . 7.58 -39.69 22.78
C2 NAG C . 6.77 -39.69 21.50
C3 NAG C . 6.40 -41.12 21.15
C4 NAG C . 7.63 -42.02 21.11
C5 NAG C . 8.73 -41.67 22.11
C6 NAG C . 10.08 -42.05 21.50
C7 NAG C . 5.59 -37.60 21.28
C8 NAG C . 4.84 -36.66 22.18
N2 NAG C . 5.58 -38.88 21.66
O3 NAG C . 5.76 -41.12 19.87
O4 NAG C . 7.19 -43.36 21.41
O5 NAG C . 8.82 -40.29 22.44
O6 NAG C . 10.18 -41.44 20.21
O7 NAG C . 6.16 -37.22 20.27
C1 NAG C . 7.59 -44.23 20.32
C2 NAG C . 7.33 -45.70 20.63
C3 NAG C . 7.16 -46.46 19.33
C4 NAG C . 8.11 -45.95 18.25
C5 NAG C . 7.95 -44.44 18.05
C6 NAG C . 7.41 -44.13 16.67
C7 NAG C . 9.48 -45.58 21.78
C8 NAG C . 9.49 -45.17 23.22
N2 NAG C . 8.42 -46.28 21.39
O3 NAG C . 5.81 -46.32 18.88
O4 NAG C . 9.46 -46.25 18.62
O5 NAG C . 7.08 -43.93 19.04
O6 NAG C . 6.11 -44.72 16.53
O7 NAG C . 10.40 -45.30 21.02
C1 NAG D . -42.06 -1.81 -19.47
C2 NAG D . -41.81 -2.47 -18.13
C3 NAG D . -43.11 -3.05 -17.62
C4 NAG D . -44.23 -2.02 -17.59
C5 NAG D . -44.16 -0.96 -18.71
C6 NAG D . -44.73 0.35 -18.19
C7 NAG D . -39.53 -3.25 -18.02
C8 NAG D . -38.54 -3.90 -18.95
N2 NAG D . -40.81 -3.51 -18.27
O3 NAG D . -42.89 -3.55 -16.29
O4 NAG D . -45.48 -2.71 -17.74
O5 NAG D . -42.85 -0.67 -19.17
O6 NAG D . -44.06 0.69 -16.97
O7 NAG D . -39.18 -2.53 -17.10
C1 NAG D . -46.24 -2.56 -16.52
C2 NAG D . -47.68 -3.02 -16.72
C3 NAG D . -48.20 -3.66 -15.44
C4 NAG D . -47.76 -2.87 -14.23
C5 NAG D . -46.24 -2.71 -14.19
C6 NAG D . -45.64 -3.44 -13.00
C7 NAG D . -48.05 -0.82 -17.70
C8 NAG D . -48.06 0.44 -16.90
N2 NAG D . -48.52 -1.90 -17.08
O3 NAG D . -47.70 -5.00 -15.35
O4 NAG D . -48.38 -1.57 -14.25
O5 NAG D . -45.69 -3.23 -15.39
O6 NAG D . -45.83 -4.85 -13.18
O7 NAG D . -47.63 -0.87 -18.85
C1 CLR E . 2.54 4.25 26.21
C2 CLR E . 2.86 5.65 26.73
C3 CLR E . 3.05 6.63 25.60
C4 CLR E . 1.79 6.68 24.77
C5 CLR E . 1.36 5.31 24.25
C6 CLR E . 1.06 5.14 22.98
C7 CLR E . 0.63 3.85 22.34
C8 CLR E . 0.31 2.75 23.35
C9 CLR E . 1.30 2.80 24.55
C10 CLR E . 1.29 4.19 25.28
C11 CLR E . 1.14 1.60 25.48
C12 CLR E . 1.15 0.25 24.75
C13 CLR E . 0.11 0.18 23.63
C14 CLR E . 0.39 1.38 22.70
C15 CLR E . -0.43 1.09 21.46
C16 CLR E . -0.34 -0.43 21.30
C17 CLR E . 0.26 -1.00 22.61
C18 CLR E . -1.32 0.18 24.22
C19 CLR E . 0.00 4.38 26.12
C20 CLR E . -0.28 -2.39 22.97
C21 CLR E . 0.28 -2.92 24.28
C22 CLR E . -0.02 -3.40 21.83
C23 CLR E . -0.59 -4.79 22.03
C24 CLR E . -0.94 -5.51 20.75
C25 CLR E . -1.82 -6.76 20.89
C26 CLR E . -3.30 -6.40 21.01
C27 CLR E . -1.40 -7.62 22.09
O1 CLR E . 3.37 7.93 26.11
C1 CLR F . 7.98 -24.69 36.42
C2 CLR F . 7.91 -26.05 37.10
C3 CLR F . 8.68 -27.09 36.30
C4 CLR F . 10.11 -26.64 36.10
C5 CLR F . 10.22 -25.26 35.49
C6 CLR F . 11.00 -25.04 34.44
C7 CLR F . 11.24 -23.70 33.81
C8 CLR F . 10.73 -22.55 34.66
C9 CLR F . 9.33 -22.91 35.22
C10 CLR F . 9.40 -24.15 36.17
C11 CLR F . 8.56 -21.72 35.81
C12 CLR F . 8.64 -20.43 34.98
C13 CLR F . 10.09 -20.05 34.62
C14 CLR F . 10.66 -21.26 33.85
C15 CLR F . 11.93 -20.74 33.19
C16 CLR F . 11.72 -19.22 33.03
C17 CLR F . 10.29 -18.93 33.56
C18 CLR F . 10.88 -19.71 35.91
C19 CLR F . 10.07 -23.81 37.52
C20 CLR F . 10.03 -17.46 33.96
C21 CLR F . 8.62 -16.99 33.58
C22 CLR F . 11.07 -16.47 33.40
C23 CLR F . 11.03 -15.08 33.99
C24 CLR F . 11.45 -15.03 35.45
C25 CLR F . 11.66 -13.64 36.05
C26 CLR F . 12.97 -13.01 35.58
C27 CLR F . 10.49 -12.71 35.77
O1 CLR F . 8.65 -28.36 36.99
O12 PC1 G . -2.65 -21.71 -6.30
P PC1 G . -2.96 -22.00 -4.86
O14 PC1 G . -4.39 -22.05 -4.40
O13 PC1 G . -2.26 -23.40 -4.48
C11 PC1 G . -2.81 -24.64 -5.01
C12 PC1 G . -3.91 -25.15 -4.13
N PC1 G . -3.96 -26.65 -3.86
C13 PC1 G . -2.78 -27.09 -3.06
C14 PC1 G . -5.21 -26.96 -3.09
C15 PC1 G . -4.01 -27.41 -5.14
O11 PC1 G . -2.20 -20.95 -3.90
C1 PC1 G . -1.08 -20.15 -4.39
C2 PC1 G . -1.48 -18.72 -4.68
O21 PC1 G . -1.03 -17.87 -3.58
C21 PC1 G . -0.35 -16.74 -3.86
O22 PC1 G . -0.13 -16.33 -4.96
C22 PC1 G . 0.14 -16.04 -2.61
C23 PC1 G . -0.73 -14.88 -2.17
C24 PC1 G . -0.80 -13.75 -3.19
C25 PC1 G . 0.50 -13.01 -3.44
C26 PC1 G . 0.93 -12.11 -2.30
C27 PC1 G . 0.94 -10.63 -2.64
C28 PC1 G . 1.73 -9.76 -1.69
C29 PC1 G . 0.90 -9.14 -0.57
C2A PC1 G . 1.63 -8.92 0.74
C2B PC1 G . 1.76 -7.46 1.16
C2C PC1 G . 2.44 -6.54 0.18
C2D PC1 G . 3.77 -7.03 -0.36
C2E PC1 G . 4.79 -5.93 -0.57
C2F PC1 G . 6.16 -6.42 -1.02
C2G PC1 G . 7.03 -5.36 -1.63
C2H PC1 G . 7.37 -4.20 -0.72
C2I PC1 G . 6.66 -2.91 -1.04
C3 PC1 G . -2.96 -18.51 -4.85
O31 PC1 G . -3.20 -17.17 -5.34
C31 PC1 G . -4.42 -16.87 -5.73
O32 PC1 G . -5.03 -17.51 -6.56
C32 PC1 G . -4.97 -15.66 -5.03
C33 PC1 G . -3.95 -14.57 -4.80
C34 PC1 G . -4.58 -13.22 -4.45
C35 PC1 G . -4.18 -12.06 -5.34
C36 PC1 G . -3.01 -11.23 -4.83
C37 PC1 G . -3.06 -9.78 -5.26
C38 PC1 G . -1.98 -8.91 -4.63
C39 PC1 G . -2.33 -8.35 -3.26
C3A PC1 G . -2.83 -6.92 -3.29
C3B PC1 G . -3.17 -6.36 -1.92
C3C PC1 G . -2.75 -4.92 -1.71
C3D PC1 G . -1.26 -4.71 -1.64
C3E PC1 G . -0.80 -3.49 -0.88
C3F PC1 G . 0.21 -3.76 0.21
C3G PC1 G . 0.62 -2.55 1.02
C3H PC1 G . 1.97 -1.98 0.66
C3I PC1 G . 2.16 -0.54 1.06
OAA 4DS H . 18.12 -23.71 5.08
SAB 4DS H . 17.10 -23.00 6.00
OAC 4DS H . 16.85 -23.76 7.20
OAD 4DS H . 15.80 -22.66 5.24
CAE 4DS H . 17.83 -21.45 6.44
CAF 4DS H . 19.12 -21.15 6.01
CAG 4DS H . 19.72 -19.95 6.33
CAH 4DS H . 19.01 -19.02 7.09
CAI 4DS H . 17.73 -19.30 7.52
CAJ 4DS H . 17.10 -20.51 7.21
CAK 4DS H . 15.70 -20.73 7.74
CAL 4DS H . 14.62 -19.92 7.00
CAM 4DS H . 13.33 -19.87 7.78
CAN 4DS H . 12.97 -18.85 8.69
CAO 4DS H . 11.76 -18.90 9.36
CAP 4DS H . 10.88 -19.95 9.14
CAQ 4DS H . 11.22 -20.96 8.25
CAR 4DS H . 12.43 -20.92 7.59
NAS 4DS H . 9.64 -20.01 9.82
CAT 4DS H . 8.85 -18.98 10.00
SAU 4DS H . 8.87 -17.95 11.30
SAV 4DS H . 14.06 -17.49 9.00
OAW 4DS H . 14.36 -16.82 7.77
OAX 4DS H . 13.31 -16.56 9.96
OAY 4DS H . 15.32 -18.09 9.69
NAZ 4DS H . 21.03 -19.65 5.90
CBA 4DS H . 22.02 -19.30 6.68
SBB 4DS H . 23.11 -18.83 7.75
C1 CLR I . 25.56 -3.34 -15.96
C2 CLR I . 25.94 -2.13 -16.80
C3 CLR I . 27.43 -1.87 -16.72
C4 CLR I . 28.19 -3.08 -17.20
C5 CLR I . 27.81 -4.34 -16.44
C6 CLR I . 28.75 -5.14 -15.95
C7 CLR I . 28.50 -6.45 -15.24
C8 CLR I . 27.05 -6.90 -15.32
C9 CLR I . 26.12 -5.68 -15.17
C10 CLR I . 26.32 -4.65 -16.31
C11 CLR I . 24.64 -6.08 -14.94
C12 CLR I . 24.44 -7.17 -13.87
C13 CLR I . 25.30 -8.41 -14.15
C14 CLR I . 26.76 -7.92 -14.23
C15 CLR I . 27.58 -9.21 -14.18
C16 CLR I . 26.75 -10.16 -13.31
C17 CLR I . 25.40 -9.45 -13.00
C18 CLR I . 24.82 -9.11 -15.44
C19 CLR I . 25.83 -5.18 -17.68
C20 CLR I . 24.24 -10.42 -12.74
C21 CLR I . 22.98 -9.69 -12.25
C22 CLR I . 24.65 -11.54 -11.77
C23 CLR I . 24.75 -12.93 -12.37
C24 CLR I . 24.21 -14.02 -11.45
C25 CLR I . 22.73 -14.40 -11.64
C26 CLR I . 21.82 -13.19 -11.67
C27 CLR I . 22.28 -15.36 -10.55
O1 CLR I . 27.75 -0.71 -17.52
C1 CLR J . 41.12 -15.09 33.48
C2 CLR J . 42.10 -14.08 34.10
C3 CLR J . 41.43 -12.74 34.31
C4 CLR J . 40.20 -12.91 35.18
C5 CLR J . 39.24 -13.96 34.65
C6 CLR J . 37.95 -13.68 34.52
C7 CLR J . 36.90 -14.65 34.08
C8 CLR J . 37.39 -16.09 34.06
C9 CLR J . 38.82 -16.14 33.46
C10 CLR J . 39.84 -15.32 34.31
C11 CLR J . 39.29 -17.56 33.11
C12 CLR J . 38.24 -18.43 32.40
C13 CLR J . 36.90 -18.46 33.15
C14 CLR J . 36.45 -16.99 33.26
C15 CLR J . 34.99 -17.06 33.68
C16 CLR J . 34.46 -18.30 32.95
C17 CLR J . 35.69 -19.07 32.37
C18 CLR J . 37.05 -19.16 34.51
C19 CLR J . 40.19 -16.04 35.63
C20 CLR J . 35.47 -20.59 32.36
C21 CLR J . 36.69 -21.36 31.86
C22 CLR J . 34.22 -20.97 31.53
C23 CLR J . 32.94 -21.21 32.32
C24 CLR J . 31.76 -20.40 31.81
C25 CLR J . 30.91 -21.06 30.73
C26 CLR J . 31.67 -21.18 29.42
C27 CLR J . 29.60 -20.30 30.51
O1 CLR J . 42.36 -11.84 34.93
C1 CLR K . 1.66 0.78 -26.62
C2 CLR K . 2.93 1.30 -27.29
C3 CLR K . 3.93 1.76 -26.27
C4 CLR K . 4.28 0.59 -25.35
C5 CLR K . 3.06 -0.01 -24.69
C6 CLR K . 3.05 -0.23 -23.38
C7 CLR K . 1.92 -0.82 -22.60
C8 CLR K . 0.82 -1.41 -23.48
C9 CLR K . 0.60 -0.53 -24.73
C10 CLR K . 1.89 -0.37 -25.60
C11 CLR K . -0.64 -0.97 -25.54
C12 CLR K . -1.91 -1.14 -24.69
C13 CLR K . -1.69 -2.08 -23.49
C14 CLR K . -0.49 -1.51 -22.71
C15 CLR K . -0.52 -2.27 -21.39
C16 CLR K . -2.02 -2.44 -21.09
C17 CLR K . -2.79 -2.05 -22.38
C18 CLR K . -1.48 -3.53 -23.99
C19 CLR K . 2.23 -1.67 -26.36
C20 CLR K . -4.09 -2.87 -22.56
C21 CLR K . -4.81 -2.52 -23.87
C22 CLR K . -5.02 -2.69 -21.36
C23 CLR K . -6.29 -3.53 -21.39
C24 CLR K . -6.84 -3.84 -20.01
C25 CLR K . -7.93 -4.93 -19.96
C26 CLR K . -7.31 -6.33 -19.95
C27 CLR K . -8.93 -4.80 -21.10
O1 CLR K . 5.11 2.26 -26.92
C1 CLR L . -28.48 -0.05 -34.51
C2 CLR L . -29.87 -0.41 -35.04
C3 CLR L . -30.95 0.18 -34.18
C4 CLR L . -30.78 1.69 -34.08
C5 CLR L . -29.39 2.10 -33.63
C6 CLR L . -29.24 2.97 -32.65
C7 CLR L . -27.92 3.50 -32.15
C8 CLR L . -26.77 3.16 -33.10
C9 CLR L . -26.91 1.69 -33.56
C10 CLR L . -28.21 1.48 -34.38
C11 CLR L . -25.64 1.15 -34.25
C12 CLR L . -24.31 1.52 -33.56
C13 CLR L . -24.21 3.03 -33.29
C14 CLR L . -25.42 3.38 -32.41
C15 CLR L . -25.11 4.74 -31.81
C16 CLR L . -23.58 4.85 -31.83
C17 CLR L . -23.04 3.48 -32.34
C18 CLR L . -24.16 3.81 -34.61
C19 CLR L . -28.15 2.11 -35.78
C20 CLR L . -21.59 3.49 -32.87
C21 CLR L . -20.80 2.26 -32.41
C22 CLR L . -20.83 4.77 -32.53
C23 CLR L . -19.49 4.93 -33.22
C24 CLR L . -19.61 5.19 -34.72
C25 CLR L . -18.32 5.57 -35.46
C26 CLR L . -17.91 7.00 -35.16
C27 CLR L . -17.19 4.60 -35.16
O1 CLR L . -32.24 -0.12 -34.73
O12 PC1 M . -20.61 -6.11 9.41
P PC1 M . -20.48 -6.15 7.90
O14 PC1 M . -20.01 -7.41 7.23
O13 PC1 M . -21.92 -5.79 7.28
C11 PC1 M . -23.11 -6.51 7.72
C12 PC1 M . -23.38 -7.70 6.82
N PC1 M . -24.82 -8.17 6.70
C13 PC1 M . -25.62 -7.20 5.91
C14 PC1 M . -24.85 -9.49 6.00
C15 PC1 M . -25.43 -8.34 8.06
O11 PC1 M . -19.58 -4.89 7.48
C1 PC1 M . -18.64 -4.98 6.38
C2 PC1 M . -17.22 -5.12 6.91
O21 PC1 M . -16.27 -4.67 5.90
C21 PC1 M . -16.02 -3.35 5.76
O22 PC1 M . -16.02 -2.57 6.67
C22 PC1 M . -15.70 -2.98 4.34
C23 PC1 M . -14.27 -3.23 3.96
C24 PC1 M . -13.32 -2.14 4.46
C25 PC1 M . -12.11 -1.93 3.58
C26 PC1 M . -11.21 -0.79 4.02
C27 PC1 M . -10.74 0.11 2.90
C28 PC1 M . -9.58 -0.43 2.11
C29 PC1 M . -9.71 -0.24 0.61
C2A PC1 M . -8.58 -0.85 -0.21
C2B PC1 M . -7.24 -0.17 -0.03
C2C PC1 M . -7.21 1.28 -0.46
C2D PC1 M . -7.38 2.28 0.66
C2E PC1 M . -6.60 3.57 0.49
C2F PC1 M . -7.23 4.79 1.14
C2G PC1 M . -6.23 5.81 1.64
C2H PC1 M . -5.41 6.51 0.57
C2I PC1 M . -3.94 6.23 0.64
C3 PC1 M . -16.85 -6.54 7.30
O31 PC1 M . -15.54 -6.53 7.90
C31 PC1 M . -14.54 -7.05 7.20
O32 PC1 M . -14.55 -8.17 6.76
C32 PC1 M . -13.40 -6.06 7.05
C33 PC1 M . -12.19 -6.61 6.35
C34 PC1 M . -10.89 -5.93 6.76
C35 PC1 M . -10.81 -4.47 6.36
C36 PC1 M . -9.43 -3.85 6.54
C37 PC1 M . -8.41 -4.29 5.53
C38 PC1 M . -7.76 -3.16 4.76
C39 PC1 M . -7.00 -3.60 3.51
C3A PC1 M . -5.50 -3.45 3.60
C3B PC1 M . -4.78 -3.77 2.31
C3C PC1 M . -3.37 -3.22 2.22
C3D PC1 M . -3.27 -1.71 2.04
C3E PC1 M . -3.84 -1.20 0.74
C3F PC1 M . -3.53 0.25 0.46
C3G PC1 M . -2.44 0.46 -0.57
C3H PC1 M . -2.18 1.92 -0.89
C3I PC1 M . -0.71 2.29 -0.96
OAA 4DS N . -27.55 13.05 -4.48
SAB 4DS N . -26.37 12.10 -4.77
OAC 4DS N . -25.88 11.43 -3.46
OAD 4DS N . -26.71 11.13 -5.78
CAE 4DS N . -25.02 13.09 -5.33
CAF 4DS N . -25.18 14.48 -5.37
CAG 4DS N . -24.15 15.30 -5.81
CAH 4DS N . -22.95 14.72 -6.21
CAI 4DS N . -22.80 13.35 -6.19
CAJ 4DS N . -23.81 12.50 -5.74
CAK 4DS N . -23.54 11.01 -5.75
CAL 4DS N . -23.79 10.37 -7.12
CAM 4DS N . -23.13 9.02 -7.28
CAN 4DS N . -21.85 8.81 -7.83
CAO 4DS N . -21.33 7.52 -7.94
CAP 4DS N . -22.08 6.42 -7.52
CAQ 4DS N . -23.34 6.63 -6.99
CAR 4DS N . -23.86 7.90 -6.87
NAS 4DS N . -21.56 5.11 -7.64
CAT 4DS N . -20.50 4.78 -8.35
SAU 4DS N . -20.38 4.85 -10.00
SAV 4DS N . -20.85 10.17 -8.38
OAW 4DS N . -20.49 10.97 -7.25
OAX 4DS N . -19.62 9.54 -9.06
OAY 4DS N . -21.68 10.93 -9.44
NAZ 4DS N . -24.31 16.71 -5.83
CBA 4DS N . -23.81 17.57 -6.69
SBB 4DS N . -23.32 18.62 -7.77
C1 CLR O . -8.11 25.81 13.86
C2 CLR O . -7.08 26.68 14.59
C3 CLR O . -7.40 28.15 14.46
C4 CLR O . -8.82 28.44 14.93
C5 CLR O . -9.86 27.54 14.28
C6 CLR O . -10.95 28.06 13.73
C7 CLR O . -12.08 27.27 13.15
C8 CLR O . -11.99 25.78 13.47
C9 CLR O . -10.53 25.32 13.29
C10 CLR O . -9.58 26.04 14.30
C11 CLR O . -10.36 23.79 13.27
C12 CLR O . -11.42 23.05 12.42
C13 CLR O . -12.84 23.44 12.79
C14 CLR O . -12.93 24.97 12.58
C15 CLR O . -14.42 25.28 12.60
C16 CLR O . -15.06 24.06 11.93
C17 CLR O . -13.97 22.94 11.83
C18 CLR O . -13.17 23.01 14.24
C19 CLR O . -9.77 25.54 15.74
C20 CLR O . -14.56 21.53 11.99
C21 CLR O . -13.49 20.44 12.01
C22 CLR O . -15.60 21.24 10.91
C23 CLR O . -16.96 20.74 11.38
C24 CLR O . -17.94 21.85 11.68
C25 CLR O . -18.22 22.08 13.18
C26 CLR O . -19.14 21.01 13.73
C27 CLR O . -18.81 23.47 13.41
O1 CLR O . -6.45 28.90 15.22
C1 CLR P . -25.21 34.73 -35.24
C2 CLR P . -24.45 35.86 -35.96
C3 CLR P . -22.97 35.61 -35.97
C4 CLR P . -22.66 34.27 -36.59
C5 CLR P . -23.43 33.12 -35.96
C6 CLR P . -22.81 32.01 -35.58
C7 CLR P . -23.47 30.81 -34.98
C8 CLR P . -24.99 30.83 -35.14
C9 CLR P . -25.51 32.26 -34.83
C10 CLR P . -24.94 33.32 -35.82
C11 CLR P . -27.05 32.32 -34.65
C12 CLR P . -27.65 31.17 -33.83
C13 CLR P . -27.18 29.80 -34.31
C14 CLR P . -25.64 29.83 -34.21
C15 CLR P . -25.21 28.36 -34.28
C16 CLR P . -26.44 27.55 -33.84
C17 CLR P . -27.50 28.59 -33.37
C18 CLR P . -27.71 29.52 -35.74
C19 CLR P . -25.58 33.20 -37.22
C20 CLR P . -28.97 28.09 -33.25
C21 CLR P . -29.51 28.36 -31.85
C22 CLR P . -29.18 26.63 -33.70
C23 CLR P . -29.69 25.61 -32.69
C24 CLR P . -28.60 24.95 -31.89
C25 CLR P . -29.04 23.86 -30.90
C26 CLR P . -27.84 23.21 -30.22
C27 CLR P . -29.89 22.79 -31.58
O1 CLR P . -22.30 36.66 -36.69
#